data_4PX9
#
_entry.id   4PX9
#
_cell.length_a   75.637
_cell.length_b   75.637
_cell.length_c   121.388
_cell.angle_alpha   90.00
_cell.angle_beta   90.00
_cell.angle_gamma   120.00
#
_symmetry.space_group_name_H-M   'P 31'
#
loop_
_entity.id
_entity.type
_entity.pdbx_description
1 polymer 'ATP-dependent RNA helicase DDX3X'
2 non-polymer "ADENOSINE-5'-DIPHOSPHATE"
#
_entity_poly.entity_id   1
_entity_poly.type   'polypeptide(L)'
_entity_poly.pdbx_seq_one_letter_code
;MGSSHHHHHHSSGLVPRGSDWSKPLPPSERLEQELFSGGNTGINFEKYDDIPVEATGNNCPPHIESFSDVEMGEIIMGNI
ELTRYTRPTPVQKHAIPIIKEKRDLMACAQTGSGKTAAFLLPILSQIYSDGPGEALRAMKENGRYGRRKQYPISLVLAPT
RELAVQIYEEARKFSYRSRVRPCVVYGGADIGQQIRDLERGCHLLVATPGRLVDMMERGKIGLDFCKYLVLDEADRMLDM
GFEPQIRRIVEQDTMPPKGVRHTMMFSATFPKEIQMLARDFLDEYIFLAVGR
;
_entity_poly.pdbx_strand_id   A,B,C
#
# COMPACT_ATOMS: atom_id res chain seq x y z
N ASP A 20 25.30 3.78 21.35
CA ASP A 20 25.71 3.09 20.09
C ASP A 20 25.63 4.07 18.92
N TRP A 21 24.42 4.30 18.40
CA TRP A 21 24.24 5.23 17.29
C TRP A 21 24.44 6.67 17.70
N SER A 22 24.62 6.89 19.00
CA SER A 22 24.82 8.24 19.50
C SER A 22 26.30 8.56 19.57
N LYS A 23 27.16 7.53 19.60
CA LYS A 23 28.60 7.73 19.68
C LYS A 23 29.21 7.90 18.28
N PRO A 24 29.97 8.98 18.07
CA PRO A 24 30.60 9.23 16.77
C PRO A 24 31.65 8.20 16.40
N LEU A 25 31.95 8.11 15.10
CA LEU A 25 32.94 7.16 14.64
C LEU A 25 34.27 7.89 14.54
N PRO A 26 35.38 7.15 14.40
CA PRO A 26 36.69 7.80 14.29
C PRO A 26 36.74 8.74 13.09
N PRO A 27 37.35 9.91 13.28
CA PRO A 27 37.46 10.91 12.21
C PRO A 27 38.13 10.38 10.97
N SER A 28 38.08 11.17 9.91
CA SER A 28 38.69 10.81 8.64
C SER A 28 39.07 12.08 7.88
N GLU A 29 40.36 12.39 7.91
CA GLU A 29 40.88 13.56 7.22
C GLU A 29 40.37 13.61 5.79
N ARG A 30 40.39 12.47 5.12
CA ARG A 30 39.95 12.44 3.73
C ARG A 30 38.52 12.97 3.52
N LEU A 31 37.60 12.59 4.41
CA LEU A 31 36.21 13.01 4.31
C LEU A 31 35.98 14.47 4.64
N GLU A 32 36.55 14.92 5.76
CA GLU A 32 36.43 16.32 6.18
C GLU A 32 36.86 17.23 5.04
N GLN A 33 37.79 16.74 4.21
CA GLN A 33 38.23 17.51 3.06
C GLN A 33 37.03 17.56 2.14
N GLU A 34 36.64 16.39 1.65
CA GLU A 34 35.51 16.24 0.73
C GLU A 34 34.29 17.00 1.23
N LEU A 35 33.95 16.80 2.50
CA LEU A 35 32.76 17.40 3.10
C LEU A 35 32.82 18.88 3.45
N PHE A 36 33.83 19.29 4.21
CA PHE A 36 33.98 20.69 4.62
C PHE A 36 35.22 21.29 3.95
N TYR A 48 19.90 40.60 6.37
CA TYR A 48 19.95 39.15 6.18
C TYR A 48 19.35 38.42 7.39
N ASP A 49 19.41 39.05 8.56
CA ASP A 49 18.87 38.44 9.77
C ASP A 49 17.74 39.25 10.39
N ASP A 50 17.61 39.13 11.72
CA ASP A 50 16.59 39.82 12.51
C ASP A 50 15.27 40.18 11.80
N ILE A 51 14.70 39.21 11.10
CA ILE A 51 13.43 39.33 10.40
C ILE A 51 12.32 38.81 11.32
N PRO A 52 11.21 39.56 11.47
CA PRO A 52 10.14 39.10 12.34
C PRO A 52 9.48 37.82 11.81
N VAL A 53 9.02 36.98 12.72
CA VAL A 53 8.43 35.72 12.33
C VAL A 53 7.04 35.49 12.88
N GLU A 54 6.14 35.01 12.02
CA GLU A 54 4.78 34.71 12.43
C GLU A 54 4.78 33.22 12.78
N ALA A 55 3.94 32.82 13.72
CA ALA A 55 3.87 31.42 14.13
C ALA A 55 2.50 31.12 14.73
N THR A 56 1.71 30.30 14.03
CA THR A 56 0.36 29.96 14.48
C THR A 56 0.26 28.48 14.85
N GLY A 57 -0.67 28.14 15.73
CA GLY A 57 -0.85 26.77 16.14
C GLY A 57 -0.94 26.62 17.65
N ASN A 58 -1.26 25.41 18.11
CA ASN A 58 -1.40 25.15 19.55
C ASN A 58 -0.08 24.76 20.23
N ASN A 59 0.06 25.19 21.47
CA ASN A 59 1.23 24.91 22.30
C ASN A 59 2.52 24.90 21.50
N CYS A 60 2.72 25.93 20.70
CA CYS A 60 3.92 26.01 19.87
C CYS A 60 5.18 26.13 20.70
N PRO A 61 6.12 25.20 20.48
CA PRO A 61 7.40 25.21 21.22
C PRO A 61 8.20 26.48 21.02
N PRO A 62 8.85 26.98 22.08
CA PRO A 62 9.65 28.21 21.98
C PRO A 62 10.86 28.09 21.06
N HIS A 63 11.38 29.23 20.61
CA HIS A 63 12.53 29.23 19.71
C HIS A 63 13.89 29.22 20.41
N ILE A 64 14.94 29.05 19.61
CA ILE A 64 16.30 29.04 20.12
C ILE A 64 17.07 30.21 19.52
N GLU A 65 18.12 30.65 20.21
CA GLU A 65 18.98 31.74 19.74
C GLU A 65 20.31 31.11 19.36
N SER A 66 20.61 29.97 19.96
CA SER A 66 21.84 29.26 19.66
C SER A 66 21.57 27.76 19.65
N PHE A 67 22.39 27.03 18.88
CA PHE A 67 22.25 25.60 18.75
C PHE A 67 22.38 24.82 20.04
N SER A 68 23.05 25.40 21.03
CA SER A 68 23.23 24.71 22.29
C SER A 68 22.02 24.86 23.22
N ASP A 69 21.05 25.66 22.81
CA ASP A 69 19.87 25.86 23.64
C ASP A 69 19.12 24.55 23.82
N VAL A 70 19.17 23.69 22.81
CA VAL A 70 18.54 22.37 22.91
C VAL A 70 19.66 21.36 22.75
N GLU A 71 19.42 20.11 23.09
CA GLU A 71 20.48 19.11 22.97
C GLU A 71 20.30 18.26 21.74
N MET A 72 21.31 18.23 20.90
CA MET A 72 21.25 17.46 19.67
C MET A 72 22.35 16.42 19.57
N GLY A 73 23.09 16.23 20.65
CA GLY A 73 24.15 15.23 20.67
C GLY A 73 25.50 15.68 20.18
N GLU A 74 26.50 14.84 20.41
CA GLU A 74 27.87 15.10 20.03
C GLU A 74 28.07 15.20 18.54
N ILE A 75 27.50 14.23 17.84
CA ILE A 75 27.64 14.15 16.40
C ILE A 75 27.16 15.41 15.70
N ILE A 76 25.95 15.86 16.02
CA ILE A 76 25.42 17.07 15.39
C ILE A 76 26.29 18.28 15.76
N MET A 77 26.49 18.49 17.06
CA MET A 77 27.28 19.63 17.50
C MET A 77 28.68 19.53 16.92
N GLY A 78 29.20 18.32 16.82
CA GLY A 78 30.52 18.14 16.25
C GLY A 78 30.56 18.62 14.82
N ASN A 79 29.58 18.21 14.01
CA ASN A 79 29.52 18.58 12.60
C ASN A 79 29.12 20.04 12.35
N ILE A 80 28.39 20.63 13.29
CA ILE A 80 27.99 22.02 13.15
C ILE A 80 29.28 22.83 13.20
N GLU A 81 30.16 22.44 14.12
CA GLU A 81 31.44 23.11 14.26
C GLU A 81 32.22 23.01 12.96
N LEU A 82 32.34 21.79 12.43
CA LEU A 82 33.08 21.58 11.21
C LEU A 82 32.53 22.37 10.03
N THR A 83 31.21 22.58 9.98
CA THR A 83 30.62 23.33 8.87
C THR A 83 30.75 24.83 9.10
N ARG A 84 31.12 25.21 10.31
CA ARG A 84 31.29 26.62 10.67
C ARG A 84 29.99 27.41 10.77
N TYR A 85 29.00 26.81 11.43
CA TYR A 85 27.71 27.45 11.65
C TYR A 85 27.78 28.06 13.04
N THR A 86 27.89 29.37 13.11
CA THR A 86 27.97 30.06 14.39
C THR A 86 26.61 30.06 15.09
N ARG A 87 25.66 30.80 14.52
CA ARG A 87 24.34 30.87 15.09
C ARG A 87 23.26 30.46 14.09
N PRO A 88 22.11 30.00 14.57
CA PRO A 88 21.04 29.59 13.66
C PRO A 88 20.45 30.75 12.91
N THR A 89 20.00 30.51 11.67
CA THR A 89 19.35 31.56 10.89
C THR A 89 17.94 31.65 11.43
N PRO A 90 17.19 32.69 11.05
CA PRO A 90 15.81 32.85 11.53
C PRO A 90 14.95 31.60 11.39
N VAL A 91 14.80 31.07 10.19
CA VAL A 91 13.96 29.90 10.01
C VAL A 91 14.48 28.78 10.88
N GLN A 92 15.80 28.72 11.02
CA GLN A 92 16.40 27.68 11.85
C GLN A 92 16.05 27.91 13.33
N LYS A 93 15.95 29.18 13.73
CA LYS A 93 15.65 29.48 15.12
C LYS A 93 14.29 29.02 15.59
N HIS A 94 13.29 29.00 14.69
CA HIS A 94 11.96 28.57 15.11
C HIS A 94 11.60 27.18 14.64
N ALA A 95 12.09 26.78 13.47
CA ALA A 95 11.77 25.47 12.94
C ALA A 95 12.45 24.30 13.67
N ILE A 96 13.70 24.49 14.07
CA ILE A 96 14.43 23.42 14.75
C ILE A 96 13.79 22.93 16.05
N PRO A 97 13.40 23.84 16.94
CA PRO A 97 12.78 23.35 18.18
C PRO A 97 11.40 22.76 17.95
N ILE A 98 10.74 23.20 16.90
CA ILE A 98 9.40 22.69 16.58
C ILE A 98 9.48 21.26 16.10
N ILE A 99 10.45 20.97 15.25
CA ILE A 99 10.65 19.64 14.72
C ILE A 99 11.18 18.71 15.82
N LYS A 100 12.02 19.26 16.68
CA LYS A 100 12.59 18.52 17.79
C LYS A 100 11.46 18.05 18.70
N GLU A 101 10.43 18.89 18.84
CA GLU A 101 9.28 18.57 19.69
C GLU A 101 8.28 17.68 18.98
N LYS A 102 8.66 17.14 17.83
CA LYS A 102 7.81 16.25 17.06
C LYS A 102 6.47 16.83 16.64
N ARG A 103 6.45 18.12 16.33
CA ARG A 103 5.24 18.79 15.88
C ARG A 103 5.32 18.98 14.39
N ASP A 104 4.21 18.73 13.68
CA ASP A 104 4.17 18.89 12.24
C ASP A 104 4.34 20.36 11.90
N LEU A 105 4.91 20.63 10.73
CA LEU A 105 5.18 21.99 10.36
C LEU A 105 4.92 22.38 8.91
N MET A 106 4.40 23.59 8.75
CA MET A 106 4.12 24.20 7.46
C MET A 106 4.94 25.50 7.52
N ALA A 107 5.95 25.65 6.68
CA ALA A 107 6.77 26.85 6.78
C ALA A 107 7.02 27.57 5.49
N CYS A 108 6.65 28.86 5.46
CA CYS A 108 6.83 29.71 4.32
C CYS A 108 8.11 30.50 4.53
N ALA A 109 9.19 30.05 3.91
CA ALA A 109 10.47 30.74 4.03
C ALA A 109 11.06 30.82 2.65
N GLN A 110 11.82 31.88 2.40
CA GLN A 110 12.44 32.06 1.10
C GLN A 110 13.60 31.09 0.95
N THR A 111 14.08 30.93 -0.28
CA THR A 111 15.21 30.04 -0.54
C THR A 111 16.47 30.73 0.00
N GLY A 112 17.49 29.93 0.29
CA GLY A 112 18.73 30.48 0.80
C GLY A 112 18.62 31.06 2.19
N SER A 113 17.70 30.51 3.01
CA SER A 113 17.50 31.00 4.37
C SER A 113 17.93 29.99 5.43
N GLY A 114 18.48 28.87 4.98
CA GLY A 114 18.90 27.81 5.89
C GLY A 114 17.86 26.73 6.15
N LYS A 115 16.87 26.61 5.25
CA LYS A 115 15.79 25.62 5.37
C LYS A 115 16.30 24.19 5.57
N THR A 116 17.23 23.80 4.71
CA THR A 116 17.78 22.46 4.75
C THR A 116 18.19 22.01 6.13
N ALA A 117 19.20 22.67 6.70
CA ALA A 117 19.68 22.32 8.02
C ALA A 117 18.54 22.44 9.02
N ALA A 118 17.65 23.40 8.79
CA ALA A 118 16.55 23.58 9.73
C ALA A 118 15.81 22.26 9.97
N PHE A 119 15.73 21.40 8.95
CA PHE A 119 15.07 20.13 9.19
C PHE A 119 15.99 18.93 9.33
N LEU A 120 17.17 18.97 8.72
CA LEU A 120 18.09 17.84 8.84
C LEU A 120 18.77 17.69 10.23
N LEU A 121 19.04 18.80 10.90
CA LEU A 121 19.71 18.72 12.18
C LEU A 121 18.81 18.02 13.20
N PRO A 122 17.58 18.53 13.39
CA PRO A 122 16.69 17.87 14.36
C PRO A 122 16.33 16.44 14.00
N ILE A 123 16.05 16.18 12.73
CA ILE A 123 15.74 14.82 12.31
C ILE A 123 16.93 13.87 12.57
N LEU A 124 18.08 14.18 11.98
CA LEU A 124 19.29 13.39 12.18
C LEU A 124 19.60 13.25 13.67
N SER A 125 19.40 14.33 14.44
CA SER A 125 19.64 14.25 15.87
C SER A 125 18.69 13.21 16.49
N GLN A 126 17.42 13.26 16.12
CA GLN A 126 16.46 12.28 16.64
C GLN A 126 16.91 10.87 16.34
N ILE A 127 17.28 10.62 15.08
CA ILE A 127 17.72 9.29 14.68
C ILE A 127 18.94 8.78 15.43
N TYR A 128 19.95 9.62 15.64
CA TYR A 128 21.13 9.16 16.37
C TYR A 128 20.73 8.76 17.78
N SER A 129 19.87 9.57 18.38
CA SER A 129 19.40 9.34 19.74
C SER A 129 18.61 8.05 19.88
N ASP A 130 17.61 7.84 19.02
CA ASP A 130 16.77 6.65 19.07
C ASP A 130 17.44 5.41 18.47
N GLY A 131 18.26 5.61 17.43
CA GLY A 131 18.89 4.48 16.78
C GLY A 131 17.95 4.00 15.68
N PRO A 132 18.30 2.94 14.96
CA PRO A 132 17.43 2.44 13.90
C PRO A 132 16.22 1.70 14.45
N GLY A 133 16.40 1.09 15.62
CA GLY A 133 15.33 0.34 16.25
C GLY A 133 15.55 -1.13 15.96
N GLU A 134 15.10 -1.99 16.85
CA GLU A 134 15.27 -3.43 16.66
C GLU A 134 14.49 -3.89 15.42
N ALA A 135 13.63 -3.01 14.92
CA ALA A 135 12.83 -3.29 13.74
C ALA A 135 13.69 -3.36 12.48
N LEU A 136 14.18 -2.21 12.04
CA LEU A 136 15.02 -2.14 10.85
C LEU A 136 16.38 -2.80 11.10
N ARG A 137 16.73 -2.97 12.38
CA ARG A 137 18.00 -3.60 12.74
C ARG A 137 17.91 -5.09 12.43
N ALA A 138 17.01 -5.78 13.11
CA ALA A 138 16.81 -7.21 12.89
C ALA A 138 16.07 -7.37 11.57
N MET A 139 16.73 -6.98 10.50
CA MET A 139 16.16 -7.03 9.16
C MET A 139 17.24 -6.56 8.18
N LYS A 140 18.35 -6.08 8.74
CA LYS A 140 19.46 -5.59 7.94
C LYS A 140 19.90 -6.68 6.97
N GLU A 141 19.54 -7.92 7.28
CA GLU A 141 19.90 -9.05 6.44
C GLU A 141 18.70 -9.80 5.89
N ASN A 142 18.16 -9.30 4.79
CA ASN A 142 17.02 -9.91 4.11
C ASN A 142 17.32 -9.84 2.62
N GLY A 143 16.36 -10.22 1.79
CA GLY A 143 16.59 -10.17 0.36
C GLY A 143 17.69 -11.11 -0.07
N ARG A 144 18.04 -11.06 -1.36
CA ARG A 144 19.08 -11.92 -1.91
C ARG A 144 20.17 -11.07 -2.57
N TYR A 145 21.23 -11.73 -3.02
CA TYR A 145 22.33 -11.03 -3.69
C TYR A 145 21.80 -10.18 -4.85
N GLY A 146 22.05 -8.88 -4.79
CA GLY A 146 21.60 -7.97 -5.83
C GLY A 146 20.11 -7.67 -5.77
N ARG A 147 19.47 -8.01 -4.67
CA ARG A 147 18.04 -7.78 -4.53
C ARG A 147 17.66 -7.44 -3.08
N ARG A 148 18.04 -6.26 -2.61
CA ARG A 148 17.75 -5.83 -1.26
C ARG A 148 16.75 -4.68 -1.28
N LYS A 149 15.78 -4.72 -0.37
CA LYS A 149 14.78 -3.66 -0.28
C LYS A 149 15.22 -2.78 0.88
N GLN A 150 15.07 -1.47 0.75
CA GLN A 150 15.49 -0.54 1.80
C GLN A 150 14.29 0.18 2.40
N TYR A 151 14.35 0.38 3.71
CA TYR A 151 13.29 1.06 4.44
C TYR A 151 13.83 2.33 5.09
N PRO A 152 13.80 3.45 4.37
CA PRO A 152 14.29 4.74 4.87
C PRO A 152 13.50 5.21 6.10
N ILE A 153 14.21 5.65 7.12
CA ILE A 153 13.60 6.18 8.31
C ILE A 153 13.11 7.58 7.97
N SER A 154 13.76 8.21 6.99
CA SER A 154 13.36 9.56 6.65
C SER A 154 13.27 9.76 5.14
N LEU A 155 12.34 10.58 4.71
CA LEU A 155 12.21 10.83 3.28
C LEU A 155 12.07 12.31 3.02
N VAL A 156 12.85 12.81 2.06
CA VAL A 156 12.81 14.23 1.68
C VAL A 156 12.46 14.31 0.19
N LEU A 157 11.45 15.09 -0.16
CA LEU A 157 11.06 15.22 -1.56
C LEU A 157 11.41 16.62 -2.06
N ALA A 158 12.08 16.67 -3.21
CA ALA A 158 12.50 17.93 -3.81
C ALA A 158 12.05 17.91 -5.28
N PRO A 159 11.76 19.09 -5.84
CA PRO A 159 11.32 19.13 -7.23
C PRO A 159 12.38 18.90 -8.30
N THR A 160 13.65 19.20 -7.99
CA THR A 160 14.71 19.03 -8.99
C THR A 160 15.97 18.28 -8.55
N ARG A 161 16.71 17.81 -9.54
CA ARG A 161 17.96 17.11 -9.27
C ARG A 161 18.90 18.06 -8.54
N GLU A 162 18.88 19.33 -8.91
CA GLU A 162 19.75 20.32 -8.29
C GLU A 162 19.47 20.49 -6.81
N LEU A 163 18.19 20.68 -6.47
CA LEU A 163 17.81 20.84 -5.08
C LEU A 163 18.03 19.54 -4.32
N ALA A 164 17.76 18.42 -4.96
CA ALA A 164 17.93 17.13 -4.31
C ALA A 164 19.39 16.93 -3.93
N VAL A 165 20.29 17.21 -4.88
CA VAL A 165 21.73 17.08 -4.65
C VAL A 165 22.23 18.00 -3.53
N GLN A 166 21.72 19.23 -3.49
CA GLN A 166 22.10 20.16 -2.45
C GLN A 166 21.75 19.56 -1.10
N ILE A 167 20.47 19.21 -0.96
CA ILE A 167 19.95 18.63 0.28
C ILE A 167 20.80 17.43 0.68
N TYR A 168 21.11 16.60 -0.30
CA TYR A 168 21.93 15.42 -0.07
C TYR A 168 23.32 15.74 0.49
N GLU A 169 23.97 16.74 -0.11
CA GLU A 169 25.31 17.15 0.33
C GLU A 169 25.26 17.63 1.78
N GLU A 170 24.24 18.41 2.10
CA GLU A 170 24.10 18.93 3.47
C GLU A 170 23.89 17.76 4.43
N ALA A 171 23.20 16.72 3.97
CA ALA A 171 22.96 15.55 4.80
C ALA A 171 24.27 14.79 5.05
N ARG A 172 25.14 14.71 4.05
CA ARG A 172 26.40 14.01 4.24
C ARG A 172 27.26 14.71 5.28
N LYS A 173 27.20 16.03 5.31
CA LYS A 173 28.00 16.79 6.28
C LYS A 173 27.48 16.56 7.69
N PHE A 174 26.18 16.42 7.85
CA PHE A 174 25.66 16.24 9.19
C PHE A 174 25.61 14.81 9.64
N SER A 175 25.82 13.88 8.72
CA SER A 175 25.84 12.46 9.04
C SER A 175 27.28 11.96 9.14
N TYR A 176 28.21 12.90 8.99
CA TYR A 176 29.64 12.57 9.08
C TYR A 176 29.96 12.00 10.47
N ARG A 177 30.61 10.84 10.48
CA ARG A 177 30.97 10.13 11.72
C ARG A 177 29.77 9.49 12.40
N SER A 178 28.67 9.31 11.65
CA SER A 178 27.46 8.67 12.18
C SER A 178 27.16 7.37 11.43
N ARG A 179 26.17 6.64 11.91
CA ARG A 179 25.77 5.37 11.31
C ARG A 179 24.74 5.58 10.20
N VAL A 180 24.19 6.79 10.09
CA VAL A 180 23.21 7.11 9.06
C VAL A 180 23.85 7.23 7.67
N ARG A 181 23.28 6.56 6.68
CA ARG A 181 23.80 6.64 5.32
C ARG A 181 22.78 7.35 4.45
N PRO A 182 23.09 8.59 4.03
CA PRO A 182 22.14 9.33 3.18
C PRO A 182 22.24 8.81 1.76
N CYS A 183 21.17 9.00 0.99
CA CYS A 183 21.14 8.58 -0.40
C CYS A 183 20.30 9.60 -1.11
N VAL A 184 20.49 9.71 -2.42
CA VAL A 184 19.73 10.64 -3.22
C VAL A 184 19.43 10.01 -4.59
N VAL A 185 18.18 10.12 -5.05
CA VAL A 185 17.79 9.59 -6.35
C VAL A 185 16.98 10.64 -7.08
N TYR A 186 17.04 10.64 -8.40
CA TYR A 186 16.34 11.63 -9.22
C TYR A 186 16.34 11.20 -10.67
N GLY A 187 15.41 11.74 -11.46
CA GLY A 187 15.34 11.38 -12.87
C GLY A 187 16.42 12.05 -13.69
N GLY A 188 16.51 11.67 -14.97
CA GLY A 188 17.51 12.26 -15.84
C GLY A 188 18.89 11.63 -15.75
N ALA A 189 19.01 10.55 -14.99
CA ALA A 189 20.27 9.86 -14.82
C ALA A 189 19.97 8.38 -14.69
N ASP A 190 20.93 7.54 -15.06
CA ASP A 190 20.73 6.10 -14.99
C ASP A 190 20.20 5.63 -13.64
N ILE A 191 19.13 4.83 -13.70
CA ILE A 191 18.52 4.30 -12.50
C ILE A 191 19.33 3.11 -12.00
N GLY A 192 20.18 2.57 -12.87
CA GLY A 192 20.99 1.41 -12.51
C GLY A 192 22.01 1.72 -11.44
N GLN A 193 22.74 2.80 -11.61
CA GLN A 193 23.75 3.19 -10.63
C GLN A 193 23.04 3.54 -9.34
N GLN A 194 21.93 4.26 -9.46
CA GLN A 194 21.15 4.67 -8.30
C GLN A 194 20.65 3.44 -7.53
N ILE A 195 20.17 2.45 -8.27
CA ILE A 195 19.69 1.24 -7.62
C ILE A 195 20.80 0.56 -6.84
N ARG A 196 21.99 0.51 -7.42
CA ARG A 196 23.12 -0.13 -6.75
C ARG A 196 23.54 0.65 -5.50
N ASP A 197 23.38 1.98 -5.51
CA ASP A 197 23.75 2.78 -4.33
C ASP A 197 22.75 2.55 -3.20
N LEU A 198 21.47 2.51 -3.52
CA LEU A 198 20.44 2.28 -2.50
C LEU A 198 20.67 0.99 -1.74
N GLU A 199 20.98 -0.06 -2.48
CA GLU A 199 21.21 -1.38 -1.90
C GLU A 199 22.20 -1.37 -0.75
N ARG A 200 23.19 -0.49 -0.83
CA ARG A 200 24.21 -0.41 0.21
C ARG A 200 23.70 0.09 1.55
N GLY A 201 22.46 0.56 1.57
CA GLY A 201 21.89 1.04 2.82
C GLY A 201 21.38 2.45 2.64
N CYS A 202 20.26 2.76 3.27
CA CYS A 202 19.68 4.09 3.14
C CYS A 202 18.72 4.40 4.28
N HIS A 203 19.16 5.23 5.21
CA HIS A 203 18.32 5.60 6.34
C HIS A 203 17.62 6.92 6.07
N LEU A 204 18.23 7.74 5.22
CA LEU A 204 17.65 9.02 4.85
C LEU A 204 17.70 9.09 3.34
N LEU A 205 16.54 9.26 2.71
CA LEU A 205 16.46 9.31 1.26
C LEU A 205 15.94 10.63 0.74
N VAL A 206 16.71 11.23 -0.18
CA VAL A 206 16.34 12.48 -0.83
C VAL A 206 15.95 12.08 -2.25
N ALA A 207 14.77 12.50 -2.69
CA ALA A 207 14.35 12.11 -4.03
C ALA A 207 13.37 13.05 -4.68
N THR A 208 13.34 12.99 -6.00
CA THR A 208 12.39 13.76 -6.82
C THR A 208 11.24 12.74 -6.89
N PRO A 209 9.97 13.19 -6.90
CA PRO A 209 8.82 12.29 -6.94
C PRO A 209 8.81 11.23 -8.03
N GLY A 210 9.08 11.61 -9.27
CA GLY A 210 9.07 10.66 -10.36
C GLY A 210 9.95 9.44 -10.15
N ARG A 211 11.24 9.67 -9.91
CA ARG A 211 12.17 8.56 -9.68
C ARG A 211 11.83 7.71 -8.46
N LEU A 212 11.33 8.33 -7.38
CA LEU A 212 10.98 7.54 -6.19
C LEU A 212 9.84 6.56 -6.48
N VAL A 213 8.86 6.98 -7.28
CA VAL A 213 7.74 6.11 -7.62
C VAL A 213 8.29 4.92 -8.39
N ASP A 214 9.20 5.20 -9.32
CA ASP A 214 9.84 4.16 -10.10
C ASP A 214 10.44 3.13 -9.12
N MET A 215 11.29 3.62 -8.22
CA MET A 215 11.96 2.76 -7.24
C MET A 215 11.00 1.88 -6.46
N MET A 216 9.88 2.44 -6.05
CA MET A 216 8.90 1.68 -5.30
C MET A 216 8.26 0.57 -6.15
N GLU A 217 7.91 0.89 -7.38
CA GLU A 217 7.30 -0.10 -8.28
C GLU A 217 8.29 -1.25 -8.49
N ARG A 218 9.58 -0.91 -8.58
CA ARG A 218 10.64 -1.89 -8.78
C ARG A 218 10.93 -2.63 -7.48
N GLY A 219 10.14 -2.32 -6.44
CA GLY A 219 10.32 -2.96 -5.15
C GLY A 219 11.63 -2.69 -4.43
N LYS A 220 12.34 -1.62 -4.80
CA LYS A 220 13.61 -1.30 -4.15
C LYS A 220 13.45 -0.49 -2.87
N ILE A 221 12.34 0.23 -2.75
CA ILE A 221 12.10 1.04 -1.56
C ILE A 221 10.77 0.76 -0.87
N GLY A 222 10.80 0.71 0.46
CA GLY A 222 9.59 0.50 1.23
C GLY A 222 9.44 1.67 2.18
N LEU A 223 8.22 2.21 2.30
CA LEU A 223 7.98 3.36 3.17
C LEU A 223 7.38 3.01 4.51
N ASP A 224 7.43 1.72 4.86
CA ASP A 224 6.87 1.23 6.11
C ASP A 224 7.43 1.80 7.41
N PHE A 225 8.72 2.15 7.41
CA PHE A 225 9.36 2.66 8.62
C PHE A 225 9.73 4.13 8.56
N CYS A 226 9.17 4.84 7.58
CA CYS A 226 9.45 6.25 7.41
C CYS A 226 8.71 7.11 8.45
N LYS A 227 9.44 7.57 9.45
CA LYS A 227 8.89 8.42 10.50
C LYS A 227 9.03 9.91 10.18
N TYR A 228 9.94 10.26 9.28
CA TYR A 228 10.15 11.66 8.94
C TYR A 228 9.90 11.95 7.48
N LEU A 229 8.95 12.83 7.20
CA LEU A 229 8.65 13.17 5.82
C LEU A 229 8.81 14.67 5.64
N VAL A 230 9.65 15.08 4.69
CA VAL A 230 9.85 16.50 4.43
C VAL A 230 9.51 16.79 2.97
N LEU A 231 8.81 17.88 2.71
CA LEU A 231 8.50 18.25 1.33
C LEU A 231 9.13 19.62 1.13
N ASP A 232 10.28 19.67 0.46
CA ASP A 232 10.93 20.97 0.25
C ASP A 232 10.49 21.66 -1.05
N GLU A 233 10.08 22.91 -0.95
CA GLU A 233 9.63 23.66 -2.12
C GLU A 233 8.40 23.00 -2.73
N ALA A 234 7.44 22.67 -1.86
CA ALA A 234 6.21 22.02 -2.26
C ALA A 234 5.49 22.79 -3.36
N ASP A 235 5.43 24.11 -3.24
CA ASP A 235 4.79 24.93 -4.25
C ASP A 235 5.47 24.79 -5.62
N ARG A 236 6.76 24.54 -5.61
CA ARG A 236 7.48 24.39 -6.86
C ARG A 236 7.13 23.03 -7.45
N MET A 237 6.95 22.03 -6.59
CA MET A 237 6.62 20.69 -7.05
C MET A 237 5.23 20.64 -7.70
N LEU A 238 4.25 21.35 -7.12
CA LEU A 238 2.92 21.36 -7.71
C LEU A 238 2.95 22.13 -9.02
N ASP A 239 3.69 23.22 -9.07
CA ASP A 239 3.78 24.00 -10.31
C ASP A 239 4.19 23.08 -11.43
N MET A 240 4.95 22.03 -11.11
CA MET A 240 5.42 21.08 -12.10
C MET A 240 4.53 19.84 -12.26
N GLY A 241 3.40 19.83 -11.56
CA GLY A 241 2.48 18.71 -11.67
C GLY A 241 2.87 17.43 -10.98
N PHE A 242 3.64 17.55 -9.90
CA PHE A 242 4.09 16.40 -9.13
C PHE A 242 3.08 15.95 -8.07
N GLU A 243 1.96 16.65 -7.94
CA GLU A 243 0.98 16.28 -6.92
C GLU A 243 0.45 14.85 -7.02
N PRO A 244 0.18 14.37 -8.24
CA PRO A 244 -0.31 12.99 -8.33
C PRO A 244 0.69 12.01 -7.73
N GLN A 245 1.94 12.11 -8.18
CA GLN A 245 2.98 11.20 -7.69
C GLN A 245 3.20 11.36 -6.19
N ILE A 246 3.06 12.58 -5.68
CA ILE A 246 3.26 12.84 -4.27
C ILE A 246 2.12 12.28 -3.43
N ARG A 247 0.89 12.39 -3.93
CA ARG A 247 -0.27 11.85 -3.21
C ARG A 247 -0.13 10.34 -3.24
N ARG A 248 0.41 9.84 -4.34
CA ARG A 248 0.64 8.41 -4.53
C ARG A 248 1.64 7.94 -3.48
N ILE A 249 2.76 8.66 -3.38
CA ILE A 249 3.82 8.34 -2.43
C ILE A 249 3.40 8.40 -0.96
N VAL A 250 2.63 9.43 -0.61
CA VAL A 250 2.22 9.64 0.77
C VAL A 250 0.89 9.04 1.22
N GLU A 251 -0.11 9.04 0.34
CA GLU A 251 -1.44 8.53 0.69
C GLU A 251 -1.87 7.21 0.08
N GLN A 252 -1.36 6.89 -1.10
CA GLN A 252 -1.75 5.67 -1.78
C GLN A 252 -0.79 4.50 -1.62
N ASP A 253 -0.01 4.51 -0.54
CA ASP A 253 0.93 3.43 -0.35
C ASP A 253 1.06 2.95 1.08
N THR A 254 2.27 2.55 1.45
CA THR A 254 2.54 2.01 2.79
C THR A 254 3.13 2.97 3.84
N MET A 255 3.15 4.27 3.55
CA MET A 255 3.72 5.21 4.51
C MET A 255 2.85 5.45 5.72
N PRO A 256 3.47 5.51 6.91
CA PRO A 256 2.68 5.74 8.12
C PRO A 256 1.87 7.03 7.93
N PRO A 257 0.63 7.05 8.42
CA PRO A 257 -0.23 8.25 8.26
C PRO A 257 0.16 9.40 9.20
N LYS A 258 -0.39 10.58 8.91
CA LYS A 258 -0.11 11.75 9.73
C LYS A 258 -0.56 11.50 11.16
N GLY A 259 0.23 11.99 12.11
CA GLY A 259 -0.09 11.75 13.51
C GLY A 259 0.89 10.69 14.00
N VAL A 260 1.18 9.73 13.12
CA VAL A 260 2.13 8.67 13.44
C VAL A 260 3.50 9.15 12.97
N ARG A 261 3.60 9.42 11.68
CA ARG A 261 4.83 9.94 11.11
C ARG A 261 4.89 11.41 11.46
N HIS A 262 6.07 12.00 11.29
CA HIS A 262 6.30 13.42 11.57
C HIS A 262 6.46 14.07 10.19
N THR A 263 5.68 15.10 9.90
CA THR A 263 5.77 15.73 8.60
C THR A 263 6.10 17.22 8.60
N MET A 264 6.90 17.62 7.61
CA MET A 264 7.28 19.02 7.48
C MET A 264 7.17 19.48 6.02
N MET A 265 6.55 20.63 5.82
CA MET A 265 6.39 21.19 4.49
C MET A 265 7.05 22.56 4.40
N PHE A 266 7.78 22.78 3.33
CA PHE A 266 8.47 24.05 3.10
C PHE A 266 8.04 24.60 1.73
N SER A 267 7.46 25.79 1.74
CA SER A 267 7.00 26.41 0.52
C SER A 267 7.17 27.92 0.64
N ALA A 268 7.70 28.56 -0.40
CA ALA A 268 7.91 30.00 -0.38
C ALA A 268 6.57 30.76 -0.52
N THR A 269 5.64 30.18 -1.26
CA THR A 269 4.33 30.79 -1.46
C THR A 269 3.31 29.94 -0.71
N PHE A 270 2.07 30.38 -0.64
CA PHE A 270 1.07 29.62 0.11
C PHE A 270 -0.30 29.64 -0.55
N PRO A 271 -0.38 29.31 -1.85
CA PRO A 271 -1.66 29.29 -2.56
C PRO A 271 -2.61 28.25 -1.98
N LYS A 272 -3.86 28.29 -2.40
CA LYS A 272 -4.86 27.36 -1.87
C LYS A 272 -4.48 25.89 -2.03
N GLU A 273 -3.93 25.53 -3.18
CA GLU A 273 -3.52 24.15 -3.41
C GLU A 273 -2.55 23.69 -2.33
N ILE A 274 -1.62 24.56 -1.94
CA ILE A 274 -0.66 24.23 -0.89
C ILE A 274 -1.41 24.15 0.44
N GLN A 275 -2.38 25.03 0.63
CA GLN A 275 -3.15 25.03 1.85
C GLN A 275 -3.86 23.70 2.02
N MET A 276 -4.41 23.18 0.92
CA MET A 276 -5.12 21.91 0.94
C MET A 276 -4.13 20.77 1.16
N LEU A 277 -2.97 20.88 0.54
CA LEU A 277 -1.96 19.84 0.68
C LEU A 277 -1.52 19.71 2.13
N ALA A 278 -1.48 20.84 2.83
CA ALA A 278 -1.08 20.87 4.24
C ALA A 278 -2.18 20.29 5.09
N ARG A 279 -3.42 20.65 4.77
CA ARG A 279 -4.56 20.15 5.52
C ARG A 279 -4.56 18.64 5.55
N ASP A 280 -4.29 18.04 4.39
CA ASP A 280 -4.28 16.59 4.28
C ASP A 280 -3.07 15.88 4.88
N PHE A 281 -1.88 16.44 4.67
CA PHE A 281 -0.64 15.81 5.14
C PHE A 281 -0.20 16.13 6.56
N LEU A 282 -0.60 17.27 7.10
CA LEU A 282 -0.16 17.65 8.43
C LEU A 282 -1.21 17.48 9.52
N ASP A 283 -0.72 17.28 10.74
CA ASP A 283 -1.58 17.08 11.91
C ASP A 283 -1.21 18.03 13.04
N GLU A 284 -2.21 18.76 13.56
CA GLU A 284 -2.02 19.73 14.64
C GLU A 284 -0.68 20.40 14.46
N TYR A 285 -0.49 20.96 13.27
CA TYR A 285 0.77 21.57 12.92
C TYR A 285 0.92 23.02 13.29
N ILE A 286 2.15 23.49 13.15
CA ILE A 286 2.47 24.87 13.45
C ILE A 286 2.76 25.55 12.12
N PHE A 287 2.18 26.73 11.92
CA PHE A 287 2.40 27.48 10.70
C PHE A 287 3.51 28.49 11.01
N LEU A 288 4.58 28.43 10.25
CA LEU A 288 5.71 29.34 10.46
C LEU A 288 5.96 30.18 9.22
N ALA A 289 5.90 31.49 9.39
CA ALA A 289 6.16 32.43 8.30
C ALA A 289 7.37 33.28 8.65
N VAL A 290 8.43 33.16 7.85
CA VAL A 290 9.64 33.93 8.09
C VAL A 290 9.68 35.10 7.13
N GLY A 291 8.99 36.19 7.51
CA GLY A 291 8.92 37.39 6.70
C GLY A 291 8.05 37.31 5.47
N ARG A 292 7.19 36.31 5.38
CA ARG A 292 6.32 36.15 4.21
C ARG A 292 5.20 35.15 4.46
N ASP B 20 3.78 -9.82 29.72
CA ASP B 20 2.62 -9.20 29.01
C ASP B 20 2.03 -10.18 28.01
N TRP B 21 2.75 -10.45 26.92
CA TRP B 21 2.27 -11.40 25.91
C TRP B 21 2.37 -12.81 26.45
N SER B 22 3.09 -12.95 27.55
CA SER B 22 3.23 -14.26 28.18
C SER B 22 2.17 -14.39 29.27
N LYS B 23 1.37 -13.35 29.47
CA LYS B 23 0.33 -13.39 30.48
C LYS B 23 -1.04 -13.54 29.87
N PRO B 24 -1.77 -14.60 30.23
CA PRO B 24 -3.10 -14.91 29.73
C PRO B 24 -4.15 -13.80 29.88
N LEU B 25 -5.10 -13.77 28.97
CA LEU B 25 -6.16 -12.78 29.04
C LEU B 25 -7.29 -13.49 29.81
N PRO B 26 -8.27 -12.74 30.32
CA PRO B 26 -9.35 -13.39 31.06
C PRO B 26 -10.00 -14.48 30.22
N PRO B 27 -10.54 -15.52 30.87
CA PRO B 27 -11.18 -16.61 30.14
C PRO B 27 -12.55 -16.26 29.57
N SER B 28 -13.07 -17.12 28.70
CA SER B 28 -14.36 -16.93 28.08
C SER B 28 -15.05 -18.28 27.96
N GLU B 29 -16.20 -18.42 28.58
CA GLU B 29 -16.93 -19.68 28.52
C GLU B 29 -17.41 -19.94 27.09
N ARG B 30 -17.80 -18.88 26.38
CA ARG B 30 -18.26 -19.10 25.00
C ARG B 30 -17.15 -19.68 24.11
N LEU B 31 -15.94 -19.17 24.24
CA LEU B 31 -14.86 -19.63 23.38
C LEU B 31 -14.44 -21.06 23.70
N GLU B 32 -14.41 -21.39 24.99
CA GLU B 32 -14.03 -22.74 25.41
C GLU B 32 -15.00 -23.79 24.90
N GLN B 33 -16.27 -23.45 24.73
CA GLN B 33 -17.23 -24.43 24.21
C GLN B 33 -17.01 -24.58 22.70
N GLU B 34 -16.56 -23.49 22.08
CA GLU B 34 -16.29 -23.47 20.65
C GLU B 34 -15.11 -24.36 20.30
N LEU B 35 -13.97 -24.06 20.93
CA LEU B 35 -12.73 -24.77 20.68
C LEU B 35 -12.63 -26.17 21.29
N PHE B 36 -12.46 -26.22 22.59
CA PHE B 36 -12.35 -27.48 23.32
C PHE B 36 -13.74 -28.09 23.57
N TYR B 48 0.55 -48.13 19.66
CA TYR B 48 0.27 -46.70 19.69
C TYR B 48 1.56 -45.88 19.63
N ASP B 49 2.17 -45.67 20.80
CA ASP B 49 3.40 -44.91 20.92
C ASP B 49 4.64 -45.78 20.70
N ASP B 50 5.65 -45.54 21.55
CA ASP B 50 6.93 -46.26 21.53
C ASP B 50 7.51 -46.76 20.21
N ILE B 51 7.55 -45.89 19.21
CA ILE B 51 8.15 -46.14 17.90
C ILE B 51 9.57 -45.56 17.93
N PRO B 52 10.58 -46.33 17.48
CA PRO B 52 11.94 -45.80 17.48
C PRO B 52 12.11 -44.63 16.54
N VAL B 53 12.99 -43.71 16.89
CA VAL B 53 13.19 -42.51 16.09
C VAL B 53 14.64 -42.28 15.68
N GLU B 54 14.83 -41.94 14.42
CA GLU B 54 16.17 -41.64 13.90
C GLU B 54 16.31 -40.12 14.01
N ALA B 55 17.52 -39.65 14.22
CA ALA B 55 17.77 -38.21 14.34
C ALA B 55 19.22 -37.91 13.99
N THR B 56 19.41 -37.18 12.88
CA THR B 56 20.76 -36.85 12.39
C THR B 56 20.99 -35.35 12.46
N GLY B 57 22.25 -34.95 12.59
CA GLY B 57 22.59 -33.54 12.65
C GLY B 57 23.55 -33.23 13.79
N ASN B 58 24.04 -31.99 13.83
CA ASN B 58 24.98 -31.58 14.87
C ASN B 58 24.30 -31.05 16.13
N ASN B 59 24.93 -31.34 17.26
CA ASN B 59 24.47 -30.91 18.58
C ASN B 59 22.95 -30.94 18.70
N CYS B 60 22.36 -32.06 18.30
CA CYS B 60 20.91 -32.19 18.35
C CYS B 60 20.37 -32.15 19.77
N PRO B 61 19.46 -31.22 20.05
CA PRO B 61 18.87 -31.10 21.39
C PRO B 61 18.14 -32.36 21.84
N PRO B 62 18.26 -32.70 23.14
CA PRO B 62 17.60 -33.91 23.67
C PRO B 62 16.08 -33.85 23.64
N HIS B 63 15.43 -35.00 23.71
CA HIS B 63 13.97 -35.06 23.66
C HIS B 63 13.30 -34.93 25.02
N ILE B 64 11.97 -34.82 24.98
CA ILE B 64 11.17 -34.69 26.19
C ILE B 64 10.25 -35.89 26.28
N GLU B 65 9.83 -36.21 27.51
CA GLU B 65 8.89 -37.32 27.76
C GLU B 65 7.56 -36.69 28.18
N SER B 66 7.64 -35.46 28.69
CA SER B 66 6.43 -34.75 29.09
C SER B 66 6.58 -33.27 28.74
N PHE B 67 5.45 -32.61 28.54
CA PHE B 67 5.42 -31.20 28.17
C PHE B 67 6.06 -30.28 29.21
N SER B 68 6.11 -30.71 30.47
CA SER B 68 6.69 -29.87 31.51
C SER B 68 8.21 -29.96 31.55
N ASP B 69 8.79 -30.86 30.75
CA ASP B 69 10.24 -30.99 30.73
C ASP B 69 10.91 -29.70 30.28
N VAL B 70 10.23 -28.96 29.41
CA VAL B 70 10.76 -27.67 28.96
C VAL B 70 9.72 -26.64 29.38
N GLU B 71 10.07 -25.37 29.37
CA GLU B 71 9.10 -24.35 29.79
C GLU B 71 8.50 -23.66 28.59
N MET B 72 7.17 -23.69 28.51
CA MET B 72 6.48 -23.06 27.40
C MET B 72 5.50 -21.99 27.84
N GLY B 73 5.52 -21.65 29.13
CA GLY B 73 4.64 -20.61 29.65
C GLY B 73 3.27 -21.08 30.10
N GLU B 74 2.58 -20.18 30.78
CA GLU B 74 1.25 -20.43 31.33
C GLU B 74 0.22 -20.68 30.25
N ILE B 75 0.24 -19.82 29.24
CA ILE B 75 -0.73 -19.90 28.16
C ILE B 75 -0.71 -21.26 27.46
N ILE B 76 0.46 -21.71 27.05
CA ILE B 76 0.57 -23.00 26.39
C ILE B 76 0.13 -24.12 27.33
N MET B 77 0.74 -24.17 28.52
CA MET B 77 0.41 -25.22 29.47
C MET B 77 -1.06 -25.15 29.82
N GLY B 78 -1.60 -23.94 29.90
CA GLY B 78 -3.00 -23.79 30.21
C GLY B 78 -3.86 -24.41 29.13
N ASN B 79 -3.55 -24.14 27.86
CA ASN B 79 -4.32 -24.67 26.75
C ASN B 79 -4.09 -26.16 26.48
N ILE B 80 -2.92 -26.66 26.85
CA ILE B 80 -2.64 -28.08 26.68
C ILE B 80 -3.62 -28.82 27.58
N GLU B 81 -3.80 -28.29 28.78
CA GLU B 81 -4.73 -28.90 29.72
C GLU B 81 -6.13 -28.92 29.12
N LEU B 82 -6.58 -27.77 28.64
CA LEU B 82 -7.91 -27.68 28.07
C LEU B 82 -8.12 -28.62 26.89
N THR B 83 -7.09 -28.87 26.10
CA THR B 83 -7.24 -29.77 24.96
C THR B 83 -7.14 -31.23 25.38
N ARG B 84 -6.71 -31.46 26.62
CA ARG B 84 -6.58 -32.81 27.16
C ARG B 84 -5.44 -33.62 26.57
N TYR B 85 -4.28 -32.99 26.44
CA TYR B 85 -3.09 -33.65 25.94
C TYR B 85 -2.30 -34.10 27.16
N THR B 86 -2.30 -35.39 27.43
CA THR B 86 -1.59 -35.91 28.59
C THR B 86 -0.09 -35.89 28.35
N ARG B 87 0.37 -36.72 27.42
CA ARG B 87 1.79 -36.78 27.11
C ARG B 87 2.04 -36.53 25.61
N PRO B 88 3.24 -36.05 25.28
CA PRO B 88 3.55 -35.80 23.87
C PRO B 88 3.63 -37.07 23.05
N THR B 89 3.26 -36.99 21.78
CA THR B 89 3.36 -38.14 20.88
C THR B 89 4.83 -38.22 20.51
N PRO B 90 5.25 -39.33 19.88
CA PRO B 90 6.64 -39.49 19.47
C PRO B 90 7.23 -38.30 18.70
N VAL B 91 6.61 -37.91 17.58
CA VAL B 91 7.15 -36.79 16.81
C VAL B 91 7.19 -35.56 17.69
N GLN B 92 6.21 -35.43 18.57
CA GLN B 92 6.19 -34.27 19.47
C GLN B 92 7.34 -34.36 20.48
N LYS B 93 7.71 -35.57 20.87
CA LYS B 93 8.77 -35.72 21.84
C LYS B 93 10.13 -35.27 21.36
N HIS B 94 10.40 -35.40 20.06
CA HIS B 94 11.70 -34.97 19.56
C HIS B 94 11.67 -33.64 18.81
N ALA B 95 10.58 -33.37 18.12
CA ALA B 95 10.47 -32.14 17.36
C ALA B 95 10.31 -30.88 18.21
N ILE B 96 9.53 -30.97 19.28
CA ILE B 96 9.31 -29.80 20.13
C ILE B 96 10.58 -29.19 20.74
N PRO B 97 11.45 -30.01 21.32
CA PRO B 97 12.65 -29.40 21.90
C PRO B 97 13.61 -28.89 20.84
N ILE B 98 13.55 -29.48 19.65
CA ILE B 98 14.42 -29.06 18.56
C ILE B 98 14.02 -27.69 18.06
N ILE B 99 12.72 -27.47 17.93
CA ILE B 99 12.21 -26.19 17.46
C ILE B 99 12.39 -25.13 18.54
N LYS B 100 12.23 -25.54 19.79
CA LYS B 100 12.40 -24.66 20.93
C LYS B 100 13.83 -24.14 20.94
N GLU B 101 14.77 -24.99 20.54
CA GLU B 101 16.19 -24.62 20.50
C GLU B 101 16.56 -23.84 19.25
N LYS B 102 15.55 -23.44 18.48
CA LYS B 102 15.75 -22.67 17.26
C LYS B 102 16.61 -23.34 16.21
N ARG B 103 16.49 -24.66 16.09
CA ARG B 103 17.23 -25.44 15.10
C ARG B 103 16.29 -25.77 13.97
N ASP B 104 16.77 -25.67 12.73
CA ASP B 104 15.96 -25.99 11.57
C ASP B 104 15.66 -27.48 11.58
N LEU B 105 14.54 -27.86 10.98
CA LEU B 105 14.14 -29.25 11.03
C LEU B 105 13.52 -29.80 9.75
N MET B 106 13.89 -31.05 9.45
CA MET B 106 13.38 -31.81 8.33
C MET B 106 12.81 -33.05 9.02
N ALA B 107 11.49 -33.25 8.96
CA ALA B 107 10.94 -34.41 9.65
C ALA B 107 10.00 -35.27 8.84
N CYS B 108 10.33 -36.56 8.75
CA CYS B 108 9.53 -37.54 8.04
C CYS B 108 8.66 -38.24 9.05
N ALA B 109 7.41 -37.84 9.13
CA ALA B 109 6.47 -38.44 10.07
C ALA B 109 5.17 -38.67 9.32
N GLN B 110 4.46 -39.72 9.70
CA GLN B 110 3.21 -40.02 9.04
C GLN B 110 2.14 -39.03 9.49
N THR B 111 1.03 -39.00 8.77
CA THR B 111 -0.06 -38.10 9.13
C THR B 111 -0.75 -38.67 10.37
N GLY B 112 -1.45 -37.82 11.12
CA GLY B 112 -2.12 -38.26 12.32
C GLY B 112 -1.18 -38.67 13.43
N SER B 113 0.01 -38.07 13.49
CA SER B 113 1.00 -38.40 14.52
C SER B 113 1.24 -37.27 15.50
N GLY B 114 0.50 -36.17 15.33
CA GLY B 114 0.64 -35.01 16.19
C GLY B 114 1.60 -33.94 15.64
N LYS B 115 1.85 -33.97 14.32
CA LYS B 115 2.76 -33.01 13.69
C LYS B 115 2.42 -31.57 13.98
N THR B 116 1.15 -31.23 13.79
CA THR B 116 0.68 -29.88 14.00
C THR B 116 1.15 -29.25 15.29
N ALA B 117 0.69 -29.81 16.41
CA ALA B 117 1.06 -29.29 17.71
C ALA B 117 2.58 -29.34 17.85
N ALA B 118 3.20 -30.35 17.28
CA ALA B 118 4.64 -30.47 17.38
C ALA B 118 5.33 -29.15 16.98
N PHE B 119 4.77 -28.42 16.03
CA PHE B 119 5.40 -27.16 15.67
C PHE B 119 4.69 -25.92 16.19
N LEU B 120 3.38 -25.98 16.42
CA LEU B 120 2.66 -24.80 16.93
C LEU B 120 2.92 -24.48 18.40
N LEU B 121 3.14 -25.50 19.23
CA LEU B 121 3.36 -25.24 20.64
C LEU B 121 4.66 -24.46 20.83
N PRO B 122 5.78 -24.98 20.34
CA PRO B 122 7.04 -24.25 20.52
C PRO B 122 7.05 -22.88 19.86
N ILE B 123 6.53 -22.79 18.64
CA ILE B 123 6.49 -21.49 17.97
C ILE B 123 5.65 -20.48 18.78
N LEU B 124 4.38 -20.81 19.00
CA LEU B 124 3.50 -19.95 19.78
C LEU B 124 4.14 -19.63 21.14
N SER B 125 4.78 -20.62 21.77
CA SER B 125 5.41 -20.37 23.05
C SER B 125 6.51 -19.31 22.85
N GLN B 126 7.32 -19.44 21.82
CA GLN B 126 8.37 -18.45 21.56
C GLN B 126 7.78 -17.06 21.42
N ILE B 127 6.74 -16.94 20.60
CA ILE B 127 6.09 -15.66 20.39
C ILE B 127 5.52 -15.02 21.65
N TYR B 128 4.87 -15.80 22.51
CA TYR B 128 4.32 -15.21 23.73
C TYR B 128 5.47 -14.66 24.58
N SER B 129 6.54 -15.44 24.65
CA SER B 129 7.71 -15.07 25.43
C SER B 129 8.38 -13.79 24.93
N ASP B 130 8.67 -13.73 23.62
CA ASP B 130 9.33 -12.57 23.04
C ASP B 130 8.39 -11.39 22.81
N GLY B 131 7.14 -11.68 22.49
CA GLY B 131 6.21 -10.60 22.21
C GLY B 131 6.29 -10.28 20.72
N PRO B 132 5.54 -9.30 20.23
CA PRO B 132 5.60 -8.96 18.81
C PRO B 132 6.87 -8.21 18.46
N GLY B 133 7.41 -7.47 19.43
CA GLY B 133 8.61 -6.69 19.21
C GLY B 133 8.21 -5.26 18.94
N GLU B 134 9.07 -4.31 19.29
CA GLU B 134 8.76 -2.90 19.07
C GLU B 134 8.65 -2.61 17.57
N ALA B 135 9.07 -3.58 16.75
CA ALA B 135 9.01 -3.47 15.30
C ALA B 135 7.57 -3.50 14.79
N LEU B 136 6.97 -4.68 14.86
CA LEU B 136 5.59 -4.86 14.42
C LEU B 136 4.62 -4.12 15.34
N ARG B 137 5.07 -3.79 16.55
CA ARG B 137 4.24 -3.08 17.52
C ARG B 137 4.07 -1.64 17.04
N ALA B 138 5.18 -0.90 16.97
CA ALA B 138 5.16 0.48 16.52
C ALA B 138 4.97 0.46 15.01
N MET B 139 3.81 -0.03 14.58
CA MET B 139 3.49 -0.15 13.18
C MET B 139 2.06 -0.70 13.07
N LYS B 140 1.51 -1.06 14.23
CA LYS B 140 0.15 -1.60 14.31
C LYS B 140 -0.80 -0.62 13.66
N GLU B 141 -0.38 0.63 13.56
CA GLU B 141 -1.20 1.67 12.97
C GLU B 141 -0.59 2.32 11.73
N ASN B 142 -0.78 1.67 10.59
CA ASN B 142 -0.28 2.16 9.31
C ASN B 142 -1.39 1.93 8.31
N GLY B 143 -1.13 2.17 7.03
CA GLY B 143 -2.15 1.97 6.03
C GLY B 143 -3.34 2.90 6.22
N ARG B 144 -4.36 2.71 5.40
CA ARG B 144 -5.56 3.54 5.47
C ARG B 144 -6.79 2.66 5.68
N TYR B 145 -7.94 3.30 5.86
CA TYR B 145 -9.20 2.58 6.06
C TYR B 145 -9.43 1.59 4.91
N GLY B 146 -9.53 0.31 5.27
CA GLY B 146 -9.75 -0.73 4.27
C GLY B 146 -8.52 -1.08 3.47
N ARG B 147 -7.35 -0.64 3.95
CA ARG B 147 -6.11 -0.92 3.24
C ARG B 147 -4.93 -1.10 4.21
N ARG B 148 -4.92 -2.19 4.94
CA ARG B 148 -3.87 -2.48 5.91
C ARG B 148 -3.04 -3.67 5.44
N LYS B 149 -1.72 -3.56 5.58
CA LYS B 149 -0.83 -4.64 5.19
C LYS B 149 -0.47 -5.36 6.49
N GLN B 150 -0.38 -6.69 6.44
CA GLN B 150 -0.06 -7.47 7.63
C GLN B 150 1.29 -8.16 7.50
N TYR B 151 2.01 -8.21 8.62
CA TYR B 151 3.33 -8.85 8.63
C TYR B 151 3.33 -10.00 9.63
N PRO B 152 2.97 -11.20 9.16
CA PRO B 152 2.93 -12.39 10.00
C PRO B 152 4.29 -12.75 10.57
N ILE B 153 4.32 -13.06 11.86
CA ILE B 153 5.55 -13.46 12.51
C ILE B 153 5.80 -14.91 12.11
N SER B 154 4.72 -15.62 11.78
CA SER B 154 4.89 -17.02 11.43
C SER B 154 4.08 -17.39 10.20
N LEU B 155 4.61 -18.30 9.39
CA LEU B 155 3.89 -18.71 8.20
C LEU B 155 3.90 -20.21 8.08
N VAL B 156 2.72 -20.80 7.83
CA VAL B 156 2.58 -22.24 7.67
C VAL B 156 1.99 -22.51 6.29
N LEU B 157 2.63 -23.37 5.51
CA LEU B 157 2.13 -23.68 4.17
C LEU B 157 1.60 -25.09 4.13
N ALA B 158 0.39 -25.26 3.63
CA ALA B 158 -0.26 -26.55 3.52
C ALA B 158 -0.75 -26.73 2.07
N PRO B 159 -0.81 -27.97 1.59
CA PRO B 159 -1.27 -28.19 0.22
C PRO B 159 -2.77 -28.04 -0.03
N THR B 160 -3.61 -28.25 0.99
CA THR B 160 -5.05 -28.16 0.79
C THR B 160 -5.84 -27.32 1.80
N ARG B 161 -7.04 -26.94 1.40
CA ARG B 161 -7.90 -26.17 2.26
C ARG B 161 -8.20 -26.99 3.52
N GLU B 162 -8.36 -28.30 3.35
CA GLU B 162 -8.67 -29.18 4.48
C GLU B 162 -7.55 -29.17 5.51
N LEU B 163 -6.33 -29.38 5.06
CA LEU B 163 -5.19 -29.40 5.96
C LEU B 163 -4.97 -28.01 6.56
N ALA B 164 -5.15 -26.98 5.74
CA ALA B 164 -4.97 -25.63 6.22
C ALA B 164 -5.93 -25.32 7.37
N VAL B 165 -7.21 -25.67 7.17
CA VAL B 165 -8.24 -25.45 8.17
C VAL B 165 -7.95 -26.23 9.47
N GLN B 166 -7.47 -27.46 9.34
CA GLN B 166 -7.14 -28.26 10.52
C GLN B 166 -6.08 -27.52 11.33
N ILE B 167 -4.97 -27.20 10.65
CA ILE B 167 -3.84 -26.51 11.25
C ILE B 167 -4.33 -25.24 11.95
N TYR B 168 -5.21 -24.52 11.25
CA TYR B 168 -5.77 -23.28 11.77
C TYR B 168 -6.54 -23.48 13.07
N GLU B 169 -7.39 -24.50 13.09
CA GLU B 169 -8.21 -24.81 14.27
C GLU B 169 -7.30 -25.14 15.46
N GLU B 170 -6.24 -25.91 15.21
CA GLU B 170 -5.31 -26.27 16.28
C GLU B 170 -4.62 -25.01 16.80
N ALA B 171 -4.39 -24.05 15.91
CA ALA B 171 -3.74 -22.81 16.29
C ALA B 171 -4.67 -21.99 17.18
N ARG B 172 -5.95 -21.98 16.86
CA ARG B 172 -6.89 -21.22 17.68
C ARG B 172 -6.95 -21.76 19.10
N LYS B 173 -6.84 -23.07 19.26
CA LYS B 173 -6.87 -23.67 20.58
C LYS B 173 -5.65 -23.32 21.38
N PHE B 174 -4.50 -23.22 20.72
CA PHE B 174 -3.29 -22.90 21.47
C PHE B 174 -3.04 -21.42 21.65
N SER B 175 -3.79 -20.61 20.92
CA SER B 175 -3.66 -19.14 21.04
C SER B 175 -4.79 -18.59 21.90
N TYR B 176 -5.60 -19.50 22.44
CA TYR B 176 -6.71 -19.10 23.31
C TYR B 176 -6.17 -18.36 24.54
N ARG B 177 -6.73 -17.19 24.80
CA ARG B 177 -6.34 -16.32 25.92
C ARG B 177 -4.97 -15.65 25.68
N SER B 178 -4.54 -15.61 24.42
CA SER B 178 -3.27 -14.96 24.05
C SER B 178 -3.53 -13.77 23.13
N ARG B 179 -2.46 -13.02 22.85
CA ARG B 179 -2.55 -11.86 21.98
C ARG B 179 -2.36 -12.22 20.51
N VAL B 180 -1.94 -13.45 20.25
CA VAL B 180 -1.74 -13.93 18.87
C VAL B 180 -3.07 -14.20 18.16
N ARG B 181 -3.21 -13.65 16.95
CA ARG B 181 -4.43 -13.87 16.17
C ARG B 181 -4.10 -14.72 14.96
N PRO B 182 -4.54 -15.98 14.95
CA PRO B 182 -4.25 -16.85 13.80
C PRO B 182 -5.19 -16.49 12.65
N CYS B 183 -4.77 -16.81 11.44
CA CYS B 183 -5.58 -16.56 10.25
C CYS B 183 -5.28 -17.68 9.30
N VAL B 184 -6.20 -17.95 8.39
CA VAL B 184 -6.02 -19.00 7.40
C VAL B 184 -6.61 -18.52 6.06
N VAL B 185 -5.87 -18.75 4.98
CA VAL B 185 -6.35 -18.37 3.64
C VAL B 185 -6.08 -19.54 2.70
N TYR B 186 -6.91 -19.68 1.68
CA TYR B 186 -6.78 -20.79 0.74
C TYR B 186 -7.65 -20.52 -0.49
N GLY B 187 -7.34 -21.18 -1.60
CA GLY B 187 -8.12 -21.00 -2.81
C GLY B 187 -9.46 -21.71 -2.77
N GLY B 188 -10.30 -21.48 -3.77
CA GLY B 188 -11.60 -22.13 -3.81
C GLY B 188 -12.69 -21.44 -3.01
N ALA B 189 -12.36 -20.28 -2.45
CA ALA B 189 -13.32 -19.52 -1.66
C ALA B 189 -13.06 -18.05 -1.88
N ASP B 190 -14.08 -17.22 -1.73
CA ASP B 190 -13.92 -15.79 -1.95
C ASP B 190 -12.72 -15.19 -1.24
N ILE B 191 -11.93 -14.44 -2.00
CA ILE B 191 -10.74 -13.81 -1.46
C ILE B 191 -11.15 -12.53 -0.73
N GLY B 192 -12.37 -12.06 -0.98
CA GLY B 192 -12.85 -10.85 -0.35
C GLY B 192 -13.04 -10.98 1.15
N GLN B 193 -13.68 -12.06 1.57
CA GLN B 193 -13.91 -12.29 2.98
C GLN B 193 -12.56 -12.53 3.65
N GLN B 194 -11.71 -13.29 2.97
CA GLN B 194 -10.39 -13.58 3.49
C GLN B 194 -9.58 -12.30 3.67
N ILE B 195 -9.66 -11.41 2.70
CA ILE B 195 -8.93 -10.17 2.78
C ILE B 195 -9.39 -9.36 3.98
N ARG B 196 -10.70 -9.33 4.21
CA ARG B 196 -11.23 -8.59 5.32
C ARG B 196 -10.81 -9.19 6.67
N ASP B 197 -10.64 -10.51 6.72
CA ASP B 197 -10.22 -11.14 7.97
C ASP B 197 -8.75 -10.83 8.27
N LEU B 198 -7.90 -10.87 7.25
CA LEU B 198 -6.49 -10.58 7.44
C LEU B 198 -6.28 -9.20 8.03
N GLU B 199 -7.00 -8.22 7.50
CA GLU B 199 -6.89 -6.84 7.95
C GLU B 199 -7.01 -6.68 9.44
N ARG B 200 -7.83 -7.52 10.08
CA ARG B 200 -8.03 -7.44 11.52
C ARG B 200 -6.81 -7.81 12.35
N GLY B 201 -5.78 -8.31 11.68
CA GLY B 201 -4.57 -8.68 12.39
C GLY B 201 -4.21 -10.11 12.11
N CYS B 202 -2.92 -10.40 11.99
CA CYS B 202 -2.48 -11.74 11.71
C CYS B 202 -1.03 -11.97 12.11
N HIS B 203 -0.80 -12.66 13.20
CA HIS B 203 0.55 -12.94 13.65
C HIS B 203 1.01 -14.30 13.17
N LEU B 204 0.04 -15.19 12.94
CA LEU B 204 0.34 -16.52 12.46
C LEU B 204 -0.58 -16.77 11.28
N LEU B 205 0.00 -17.05 10.11
CA LEU B 205 -0.80 -17.26 8.92
C LEU B 205 -0.63 -18.67 8.35
N VAL B 206 -1.77 -19.34 8.12
CA VAL B 206 -1.80 -20.67 7.54
C VAL B 206 -2.34 -20.44 6.12
N ALA B 207 -1.64 -20.95 5.12
CA ALA B 207 -2.09 -20.74 3.76
C ALA B 207 -1.64 -21.78 2.77
N THR B 208 -2.41 -21.88 1.69
CA THR B 208 -2.09 -22.77 0.58
C THR B 208 -1.24 -21.80 -0.28
N PRO B 209 -0.21 -22.31 -0.97
CA PRO B 209 0.67 -21.47 -1.81
C PRO B 209 -0.01 -20.53 -2.81
N GLY B 210 -0.95 -21.05 -3.59
CA GLY B 210 -1.62 -20.22 -4.58
C GLY B 210 -2.24 -18.94 -4.02
N ARG B 211 -3.14 -19.10 -3.06
CA ARG B 211 -3.79 -17.95 -2.46
C ARG B 211 -2.82 -16.97 -1.78
N LEU B 212 -1.76 -17.47 -1.15
CA LEU B 212 -0.81 -16.58 -0.49
C LEU B 212 -0.10 -15.68 -1.49
N VAL B 213 0.24 -16.22 -2.67
CA VAL B 213 0.90 -15.44 -3.70
C VAL B 213 -0.04 -14.34 -4.13
N ASP B 214 -1.31 -14.69 -4.29
CA ASP B 214 -2.32 -13.71 -4.67
C ASP B 214 -2.26 -12.57 -3.65
N MET B 215 -2.41 -12.91 -2.37
CA MET B 215 -2.41 -11.92 -1.28
C MET B 215 -1.19 -10.99 -1.33
N MET B 216 -0.03 -11.55 -1.61
CA MET B 216 1.18 -10.74 -1.67
C MET B 216 1.14 -9.76 -2.85
N GLU B 217 0.70 -10.22 -4.01
CA GLU B 217 0.64 -9.38 -5.18
C GLU B 217 -0.33 -8.23 -4.91
N ARG B 218 -1.42 -8.53 -4.20
CA ARG B 218 -2.42 -7.53 -3.84
C ARG B 218 -1.91 -6.65 -2.71
N GLY B 219 -0.66 -6.85 -2.31
CA GLY B 219 -0.07 -6.06 -1.24
C GLY B 219 -0.68 -6.20 0.15
N LYS B 220 -1.44 -7.27 0.39
CA LYS B 220 -2.07 -7.48 1.68
C LYS B 220 -1.16 -8.13 2.71
N ILE B 221 -0.16 -8.87 2.24
CA ILE B 221 0.77 -9.56 3.14
C ILE B 221 2.22 -9.25 2.87
N GLY B 222 2.98 -9.04 3.95
CA GLY B 222 4.41 -8.78 3.83
C GLY B 222 5.14 -9.85 4.63
N LEU B 223 6.21 -10.42 4.09
CA LEU B 223 6.96 -11.47 4.76
C LEU B 223 8.23 -10.98 5.45
N ASP B 224 8.34 -9.67 5.60
CA ASP B 224 9.51 -9.05 6.22
C ASP B 224 9.84 -9.45 7.65
N PHE B 225 8.82 -9.76 8.45
CA PHE B 225 9.03 -10.09 9.86
C PHE B 225 8.75 -11.54 10.19
N CYS B 226 8.65 -12.38 9.17
CA CYS B 226 8.37 -13.79 9.36
C CYS B 226 9.60 -14.55 9.85
N LYS B 227 9.63 -14.86 11.14
CA LYS B 227 10.72 -15.61 11.75
C LYS B 227 10.49 -17.12 11.74
N TYR B 228 9.24 -17.54 11.60
CA TYR B 228 8.92 -18.96 11.62
C TYR B 228 8.27 -19.43 10.34
N LEU B 229 8.90 -20.38 9.66
CA LEU B 229 8.34 -20.89 8.43
C LEU B 229 8.16 -22.39 8.55
N VAL B 230 6.95 -22.85 8.30
CA VAL B 230 6.68 -24.30 8.37
C VAL B 230 6.10 -24.76 7.04
N LEU B 231 6.57 -25.89 6.55
CA LEU B 231 6.02 -26.45 5.33
C LEU B 231 5.42 -27.80 5.69
N ASP B 232 4.12 -27.88 5.84
CA ASP B 232 3.50 -29.17 6.20
C ASP B 232 3.12 -30.01 4.97
N GLU B 233 3.55 -31.27 4.95
CA GLU B 233 3.25 -32.16 3.84
C GLU B 233 3.88 -31.63 2.56
N ALA B 234 5.15 -31.23 2.65
CA ALA B 234 5.89 -30.69 1.53
C ALA B 234 5.84 -31.60 0.31
N ASP B 235 6.03 -32.90 0.53
CA ASP B 235 5.98 -33.85 -0.57
C ASP B 235 4.61 -33.85 -1.28
N ARG B 236 3.55 -33.54 -0.54
CA ARG B 236 2.24 -33.51 -1.14
C ARG B 236 2.12 -32.24 -1.97
N MET B 237 2.74 -31.16 -1.50
CA MET B 237 2.69 -29.89 -2.22
C MET B 237 3.43 -29.97 -3.56
N LEU B 238 4.58 -30.64 -3.59
CA LEU B 238 5.31 -30.77 -4.84
C LEU B 238 4.54 -31.69 -5.80
N ASP B 239 3.94 -32.75 -5.26
CA ASP B 239 3.18 -33.66 -6.11
C ASP B 239 2.16 -32.86 -6.88
N MET B 240 1.70 -31.76 -6.29
CA MET B 240 0.70 -30.90 -6.91
C MET B 240 1.28 -29.73 -7.71
N GLY B 241 2.60 -29.67 -7.81
CA GLY B 241 3.24 -28.62 -8.58
C GLY B 241 3.28 -27.25 -7.94
N PHE B 242 3.31 -27.22 -6.61
CA PHE B 242 3.35 -25.98 -5.86
C PHE B 242 4.76 -25.45 -5.66
N GLU B 243 5.78 -26.17 -6.14
CA GLU B 243 7.15 -25.72 -5.95
C GLU B 243 7.46 -24.34 -6.49
N PRO B 244 6.94 -24.00 -7.68
CA PRO B 244 7.25 -22.67 -8.20
C PRO B 244 6.75 -21.59 -7.26
N GLN B 245 5.49 -21.69 -6.86
CA GLN B 245 4.90 -20.69 -5.97
C GLN B 245 5.61 -20.67 -4.61
N ILE B 246 6.08 -21.82 -4.16
CA ILE B 246 6.75 -21.92 -2.88
C ILE B 246 8.14 -21.29 -2.94
N ARG B 247 8.85 -21.52 -4.04
CA ARG B 247 10.18 -20.94 -4.21
C ARG B 247 10.00 -19.45 -4.33
N ARG B 248 8.90 -19.06 -4.96
CA ARG B 248 8.54 -17.66 -5.13
C ARG B 248 8.33 -17.03 -3.76
N ILE B 249 7.51 -17.68 -2.94
CA ILE B 249 7.20 -17.21 -1.59
C ILE B 249 8.41 -17.12 -0.66
N VAL B 250 9.27 -18.14 -0.70
CA VAL B 250 10.44 -18.20 0.18
C VAL B 250 11.76 -17.60 -0.32
N GLU B 251 12.04 -17.73 -1.61
CA GLU B 251 13.30 -17.25 -2.16
C GLU B 251 13.25 -16.02 -3.06
N GLN B 252 12.13 -15.82 -3.74
CA GLN B 252 11.99 -14.70 -4.66
C GLN B 252 11.27 -13.50 -4.10
N ASP B 253 11.26 -13.35 -2.78
CA ASP B 253 10.57 -12.21 -2.20
C ASP B 253 11.30 -11.56 -1.03
N THR B 254 10.53 -11.07 -0.07
CA THR B 254 11.09 -10.38 1.10
C THR B 254 11.25 -11.18 2.40
N MET B 255 11.13 -12.50 2.33
CA MET B 255 11.26 -13.31 3.54
C MET B 255 12.69 -13.45 4.03
N PRO B 256 12.89 -13.33 5.35
CA PRO B 256 14.24 -13.46 5.89
C PRO B 256 14.84 -14.79 5.39
N PRO B 257 16.13 -14.82 5.07
CA PRO B 257 16.78 -16.05 4.58
C PRO B 257 17.05 -17.07 5.67
N LYS B 258 17.37 -18.29 5.27
CA LYS B 258 17.66 -19.35 6.21
C LYS B 258 18.85 -18.95 7.07
N GLY B 259 18.80 -19.30 8.36
CA GLY B 259 19.86 -18.92 9.26
C GLY B 259 19.34 -17.77 10.10
N VAL B 260 18.54 -16.91 9.47
CA VAL B 260 17.93 -15.78 10.16
C VAL B 260 16.56 -16.26 10.64
N ARG B 261 15.74 -16.68 9.70
CA ARG B 261 14.42 -17.21 10.02
C ARG B 261 14.63 -18.63 10.52
N HIS B 262 13.60 -19.20 11.13
CA HIS B 262 13.64 -20.55 11.65
C HIS B 262 12.73 -21.35 10.73
N THR B 263 13.22 -22.45 10.17
CA THR B 263 12.40 -23.22 9.24
C THR B 263 12.18 -24.68 9.59
N MET B 264 10.96 -25.16 9.33
CA MET B 264 10.63 -26.54 9.61
C MET B 264 9.89 -27.17 8.43
N MET B 265 10.33 -28.36 8.03
CA MET B 265 9.70 -29.07 6.93
C MET B 265 9.15 -30.41 7.40
N PHE B 266 7.93 -30.74 6.99
CA PHE B 266 7.30 -32.00 7.37
C PHE B 266 6.86 -32.71 6.10
N SER B 267 7.37 -33.93 5.91
CA SER B 267 7.05 -34.69 4.72
C SER B 267 7.04 -36.16 5.09
N ALA B 268 6.02 -36.90 4.64
CA ALA B 268 5.92 -38.33 4.94
C ALA B 268 6.93 -39.14 4.14
N THR B 269 7.24 -38.69 2.94
CA THR B 269 8.21 -39.37 2.07
C THR B 269 9.43 -38.47 1.98
N PHE B 270 10.50 -38.95 1.36
CA PHE B 270 11.71 -38.15 1.28
C PHE B 270 12.44 -38.30 -0.06
N PRO B 271 11.72 -38.12 -1.17
CA PRO B 271 12.33 -38.23 -2.51
C PRO B 271 13.40 -37.17 -2.71
N LYS B 272 14.17 -37.31 -3.78
CA LYS B 272 15.26 -36.36 -4.07
C LYS B 272 14.80 -34.90 -4.13
N GLU B 273 13.66 -34.65 -4.78
CA GLU B 273 13.14 -33.29 -4.87
C GLU B 273 12.98 -32.67 -3.49
N ILE B 274 12.50 -33.47 -2.53
CA ILE B 274 12.33 -32.98 -1.17
C ILE B 274 13.70 -32.78 -0.55
N GLN B 275 14.63 -33.67 -0.87
CA GLN B 275 15.97 -33.56 -0.34
C GLN B 275 16.59 -32.24 -0.78
N MET B 276 16.37 -31.88 -2.03
CA MET B 276 16.90 -30.64 -2.58
C MET B 276 16.20 -29.44 -1.96
N LEU B 277 14.90 -29.57 -1.76
CA LEU B 277 14.13 -28.49 -1.19
C LEU B 277 14.62 -28.18 0.23
N ALA B 278 15.05 -29.22 0.94
CA ALA B 278 15.55 -29.08 2.31
C ALA B 278 16.91 -28.45 2.28
N ARG B 279 17.74 -28.88 1.34
CA ARG B 279 19.09 -28.35 1.21
C ARG B 279 19.05 -26.84 1.05
N ASP B 280 18.13 -26.36 0.22
CA ASP B 280 18.01 -24.93 -0.04
C ASP B 280 17.35 -24.12 1.07
N PHE B 281 16.29 -24.65 1.67
CA PHE B 281 15.54 -23.93 2.70
C PHE B 281 16.04 -24.06 4.14
N LEU B 282 16.72 -25.15 4.46
CA LEU B 282 17.16 -25.36 5.84
C LEU B 282 18.64 -25.12 6.07
N ASP B 283 18.97 -24.74 7.31
CA ASP B 283 20.33 -24.44 7.71
C ASP B 283 20.74 -25.25 8.95
N GLU B 284 21.87 -25.95 8.86
CA GLU B 284 22.40 -26.78 9.95
C GLU B 284 21.23 -27.42 10.67
N TYR B 285 20.40 -28.10 9.90
CA TYR B 285 19.20 -28.70 10.42
C TYR B 285 19.35 -30.08 10.97
N ILE B 286 18.29 -30.53 11.64
CA ILE B 286 18.25 -31.85 12.22
C ILE B 286 17.27 -32.66 11.40
N PHE B 287 17.66 -33.88 11.04
CA PHE B 287 16.80 -34.75 10.29
C PHE B 287 16.12 -35.68 11.30
N LEU B 288 14.80 -35.66 11.33
CA LEU B 288 14.05 -36.48 12.25
C LEU B 288 13.14 -37.47 11.51
N ALA B 289 13.34 -38.75 11.76
CA ALA B 289 12.53 -39.80 11.15
C ALA B 289 11.79 -40.57 12.24
N VAL B 290 10.46 -40.50 12.21
CA VAL B 290 9.65 -41.20 13.19
C VAL B 290 9.08 -42.47 12.60
N GLY B 291 9.83 -43.56 12.73
CA GLY B 291 9.38 -44.84 12.21
C GLY B 291 9.50 -44.95 10.71
N ARG B 292 9.27 -43.85 9.99
CA ARG B 292 9.36 -43.86 8.54
C ARG B 292 10.33 -42.81 8.02
N ASP C 20 -26.08 20.31 -32.04
CA ASP C 20 -26.55 21.21 -30.94
C ASP C 20 -25.64 21.08 -29.74
N TRP C 21 -25.17 19.85 -29.48
CA TRP C 21 -24.30 19.58 -28.35
C TRP C 21 -22.90 19.11 -28.78
N SER C 22 -22.74 18.92 -30.09
CA SER C 22 -21.46 18.49 -30.65
C SER C 22 -20.73 19.75 -31.06
N LYS C 23 -21.43 20.88 -30.94
CA LYS C 23 -20.89 22.17 -31.30
C LYS C 23 -20.21 22.80 -30.10
N PRO C 24 -18.87 22.78 -30.08
CA PRO C 24 -18.03 23.33 -29.00
C PRO C 24 -18.37 24.76 -28.62
N LEU C 25 -18.35 25.06 -27.32
CA LEU C 25 -18.65 26.40 -26.83
C LEU C 25 -17.42 27.31 -27.02
N PRO C 26 -17.62 28.64 -26.99
CA PRO C 26 -16.48 29.54 -27.15
C PRO C 26 -15.45 29.22 -26.06
N PRO C 27 -14.17 29.11 -26.43
CA PRO C 27 -13.06 28.80 -25.52
C PRO C 27 -12.84 29.80 -24.40
N SER C 28 -12.20 29.32 -23.33
CA SER C 28 -11.89 30.15 -22.17
C SER C 28 -10.45 29.92 -21.75
N GLU C 29 -9.75 31.01 -21.45
CA GLU C 29 -8.35 30.95 -21.03
C GLU C 29 -8.23 30.44 -19.60
N ARG C 30 -8.92 31.13 -18.70
CA ARG C 30 -8.94 30.83 -17.27
C ARG C 30 -9.08 29.33 -16.95
N LEU C 31 -10.14 28.72 -17.48
CA LEU C 31 -10.42 27.29 -17.26
C LEU C 31 -9.29 26.38 -17.71
N GLU C 32 -8.61 26.76 -18.78
CA GLU C 32 -7.52 25.94 -19.30
C GLU C 32 -6.34 25.85 -18.35
N GLN C 33 -5.75 26.98 -17.98
CA GLN C 33 -4.65 26.91 -17.03
C GLN C 33 -5.19 26.24 -15.77
N GLU C 34 -6.49 26.40 -15.55
CA GLU C 34 -7.16 25.80 -14.41
C GLU C 34 -7.11 24.27 -14.56
N LEU C 35 -7.48 23.78 -15.75
CA LEU C 35 -7.52 22.33 -16.03
C LEU C 35 -6.24 21.73 -16.63
N PHE C 36 -5.61 22.44 -17.56
CA PHE C 36 -4.40 21.97 -18.20
C PHE C 36 -3.22 22.82 -17.74
N SER C 37 -2.98 22.84 -16.43
CA SER C 37 -1.90 23.62 -15.84
C SER C 37 -0.52 23.10 -16.25
N GLY C 38 -0.33 22.91 -17.55
CA GLY C 38 0.93 22.43 -18.04
C GLY C 38 1.11 20.94 -17.85
N GLY C 39 0.10 20.27 -17.31
CA GLY C 39 0.18 18.83 -17.10
C GLY C 39 1.54 18.36 -16.62
N ASN C 40 2.40 18.01 -17.58
CA ASN C 40 3.76 17.56 -17.31
C ASN C 40 3.81 16.13 -16.79
N THR C 41 2.64 15.52 -16.63
CA THR C 41 2.54 14.15 -16.13
C THR C 41 2.18 13.20 -17.27
N GLY C 42 3.10 12.32 -17.62
CA GLY C 42 2.86 11.37 -18.68
C GLY C 42 3.09 9.94 -18.22
N ILE C 43 2.43 9.00 -18.89
CA ILE C 43 2.58 7.59 -18.55
C ILE C 43 3.98 7.11 -18.87
N ASN C 44 4.45 6.11 -18.12
CA ASN C 44 5.77 5.56 -18.36
C ASN C 44 5.64 4.83 -19.68
N PHE C 45 5.42 5.57 -20.76
CA PHE C 45 5.27 4.95 -22.07
C PHE C 45 6.58 4.34 -22.57
N GLU C 46 7.54 4.26 -21.67
CA GLU C 46 8.84 3.63 -21.94
C GLU C 46 8.68 2.33 -21.16
N LYS C 47 7.52 2.19 -20.55
CA LYS C 47 7.15 1.03 -19.74
C LYS C 47 5.82 0.51 -20.29
N TYR C 48 5.32 1.20 -21.30
CA TYR C 48 4.07 0.84 -21.94
C TYR C 48 4.34 0.76 -23.44
N ASP C 49 3.26 0.69 -24.23
CA ASP C 49 3.39 0.66 -25.68
C ASP C 49 3.53 -0.71 -26.34
N ASP C 50 3.67 -1.76 -25.54
CA ASP C 50 3.84 -3.08 -26.13
C ASP C 50 3.37 -4.24 -25.26
N ILE C 51 2.09 -4.27 -24.92
CA ILE C 51 1.63 -5.40 -24.11
C ILE C 51 0.53 -6.16 -24.84
N PRO C 52 0.67 -7.49 -24.95
CA PRO C 52 -0.35 -8.27 -25.63
C PRO C 52 -1.68 -8.23 -24.89
N VAL C 53 -2.77 -8.28 -25.65
CA VAL C 53 -4.09 -8.20 -25.05
C VAL C 53 -5.02 -9.34 -25.42
N GLU C 54 -5.70 -9.88 -24.42
CA GLU C 54 -6.65 -10.96 -24.63
C GLU C 54 -8.01 -10.28 -24.81
N ALA C 55 -8.89 -10.88 -25.60
CA ALA C 55 -10.22 -10.31 -25.83
C ALA C 55 -11.19 -11.41 -26.23
N THR C 56 -12.16 -11.68 -25.37
CA THR C 56 -13.15 -12.73 -25.63
C THR C 56 -14.55 -12.14 -25.81
N GLY C 57 -15.40 -12.85 -26.54
CA GLY C 57 -16.76 -12.39 -26.77
C GLY C 57 -17.16 -12.47 -28.23
N ASN C 58 -18.43 -12.21 -28.52
CA ASN C 58 -18.93 -12.27 -29.89
C ASN C 58 -18.79 -10.96 -30.65
N ASN C 59 -18.52 -11.09 -31.95
CA ASN C 59 -18.37 -9.96 -32.87
C ASN C 59 -17.68 -8.78 -32.21
N CYS C 60 -16.55 -9.05 -31.56
CA CYS C 60 -15.81 -8.00 -30.89
C CYS C 60 -15.26 -6.97 -31.87
N PRO C 61 -15.61 -5.69 -31.66
CA PRO C 61 -15.14 -4.61 -32.53
C PRO C 61 -13.62 -4.48 -32.55
N PRO C 62 -13.05 -4.20 -33.73
CA PRO C 62 -11.59 -4.06 -33.85
C PRO C 62 -10.99 -2.89 -33.07
N HIS C 63 -9.69 -2.94 -32.81
CA HIS C 63 -9.04 -1.88 -32.05
C HIS C 63 -8.53 -0.71 -32.90
N ILE C 64 -8.07 0.33 -32.21
CA ILE C 64 -7.54 1.52 -32.85
C ILE C 64 -6.08 1.67 -32.47
N GLU C 65 -5.31 2.35 -33.34
CA GLU C 65 -3.89 2.63 -33.07
C GLU C 65 -3.77 4.12 -32.78
N SER C 66 -4.74 4.89 -33.28
CA SER C 66 -4.76 6.33 -33.03
C SER C 66 -6.20 6.80 -32.81
N PHE C 67 -6.34 7.89 -32.07
CA PHE C 67 -7.65 8.44 -31.75
C PHE C 67 -8.46 8.85 -32.98
N SER C 68 -7.79 9.14 -34.08
CA SER C 68 -8.52 9.56 -35.27
C SER C 68 -9.07 8.39 -36.07
N ASP C 69 -8.75 7.16 -35.66
CA ASP C 69 -9.25 5.99 -36.36
C ASP C 69 -10.77 5.93 -36.30
N VAL C 70 -11.35 6.43 -35.21
CA VAL C 70 -12.80 6.48 -35.09
C VAL C 70 -13.14 7.96 -34.94
N GLU C 71 -14.40 8.31 -35.13
CA GLU C 71 -14.79 9.72 -35.00
C GLU C 71 -15.43 10.01 -33.66
N MET C 72 -14.86 10.96 -32.93
CA MET C 72 -15.38 11.31 -31.63
C MET C 72 -15.78 12.78 -31.53
N GLY C 73 -15.78 13.47 -32.67
CA GLY C 73 -16.17 14.87 -32.68
C GLY C 73 -15.07 15.88 -32.40
N GLU C 74 -15.39 17.15 -32.65
CA GLU C 74 -14.47 18.26 -32.47
C GLU C 74 -14.09 18.46 -31.01
N ILE C 75 -15.10 18.42 -30.15
CA ILE C 75 -14.88 18.65 -28.73
C ILE C 75 -13.88 17.67 -28.13
N ILE C 76 -14.08 16.38 -28.36
CA ILE C 76 -13.17 15.38 -27.83
C ILE C 76 -11.77 15.54 -28.42
N MET C 77 -11.69 15.57 -29.76
CA MET C 77 -10.40 15.73 -30.41
C MET C 77 -9.75 17.03 -29.98
N GLY C 78 -10.56 18.06 -29.79
CA GLY C 78 -10.03 19.33 -29.36
C GLY C 78 -9.38 19.21 -27.99
N ASN C 79 -10.07 18.57 -27.05
CA ASN C 79 -9.55 18.41 -25.69
C ASN C 79 -8.43 17.39 -25.55
N ILE C 80 -8.38 16.42 -26.47
CA ILE C 80 -7.31 15.43 -26.46
C ILE C 80 -6.03 16.19 -26.74
N GLU C 81 -6.10 17.11 -27.71
CA GLU C 81 -4.95 17.92 -28.06
C GLU C 81 -4.48 18.71 -26.85
N LEU C 82 -5.42 19.41 -26.20
CA LEU C 82 -5.09 20.22 -25.05
C LEU C 82 -4.47 19.42 -23.91
N THR C 83 -4.88 18.17 -23.74
CA THR C 83 -4.31 17.34 -22.67
C THR C 83 -2.97 16.73 -23.07
N ARG C 84 -2.65 16.83 -24.37
CA ARG C 84 -1.40 16.30 -24.89
C ARG C 84 -1.32 14.78 -24.95
N TYR C 85 -2.40 14.17 -25.42
CA TYR C 85 -2.45 12.72 -25.57
C TYR C 85 -2.11 12.43 -27.02
N THR C 86 -0.91 11.91 -27.25
CA THR C 86 -0.47 11.61 -28.60
C THR C 86 -1.18 10.38 -29.14
N ARG C 87 -0.88 9.22 -28.56
CA ARG C 87 -1.51 7.99 -28.98
C ARG C 87 -2.20 7.28 -27.82
N PRO C 88 -3.22 6.45 -28.12
CA PRO C 88 -3.92 5.74 -27.06
C PRO C 88 -3.04 4.70 -26.38
N THR C 89 -3.28 4.47 -25.10
CA THR C 89 -2.54 3.45 -24.36
C THR C 89 -3.19 2.14 -24.75
N PRO C 90 -2.56 1.00 -24.41
CA PRO C 90 -3.11 -0.31 -24.75
C PRO C 90 -4.59 -0.48 -24.39
N VAL C 91 -4.93 -0.32 -23.10
CA VAL C 91 -6.33 -0.50 -22.70
C VAL C 91 -7.20 0.45 -23.49
N GLN C 92 -6.68 1.63 -23.78
CA GLN C 92 -7.44 2.61 -24.55
C GLN C 92 -7.62 2.14 -25.99
N LYS C 93 -6.62 1.43 -26.52
CA LYS C 93 -6.71 0.96 -27.89
C LYS C 93 -7.80 -0.06 -28.15
N HIS C 94 -8.12 -0.88 -27.16
CA HIS C 94 -9.17 -1.87 -27.37
C HIS C 94 -10.48 -1.52 -26.70
N ALA C 95 -10.44 -0.85 -25.56
CA ALA C 95 -11.66 -0.49 -24.85
C ALA C 95 -12.47 0.61 -25.53
N ILE C 96 -11.80 1.63 -26.07
CA ILE C 96 -12.51 2.73 -26.70
C ILE C 96 -13.43 2.34 -27.86
N PRO C 97 -12.95 1.52 -28.80
CA PRO C 97 -13.84 1.16 -29.90
C PRO C 97 -14.96 0.21 -29.46
N ILE C 98 -14.71 -0.53 -28.39
CA ILE C 98 -15.71 -1.46 -27.87
C ILE C 98 -16.87 -0.69 -27.24
N ILE C 99 -16.53 0.34 -26.48
CA ILE C 99 -17.55 1.16 -25.83
C ILE C 99 -18.28 2.01 -26.87
N LYS C 100 -17.54 2.46 -27.88
CA LYS C 100 -18.10 3.26 -28.95
C LYS C 100 -19.16 2.44 -29.67
N GLU C 101 -18.92 1.13 -29.79
CA GLU C 101 -19.85 0.22 -30.46
C GLU C 101 -21.00 -0.21 -29.55
N LYS C 102 -21.11 0.44 -28.39
CA LYS C 102 -22.17 0.13 -27.43
C LYS C 102 -22.21 -1.32 -26.94
N ARG C 103 -21.03 -1.92 -26.78
CA ARG C 103 -20.93 -3.29 -26.29
C ARG C 103 -20.50 -3.23 -24.82
N ASP C 104 -21.12 -4.07 -23.99
CA ASP C 104 -20.78 -4.11 -22.58
C ASP C 104 -19.35 -4.62 -22.42
N LEU C 105 -18.70 -4.22 -21.36
CA LEU C 105 -17.31 -4.58 -21.18
C LEU C 105 -16.87 -4.93 -19.77
N MET C 106 -16.01 -5.93 -19.69
CA MET C 106 -15.40 -6.41 -18.46
C MET C 106 -13.91 -6.29 -18.77
N ALA C 107 -13.19 -5.44 -18.06
CA ALA C 107 -11.78 -5.29 -18.37
C ALA C 107 -10.83 -5.35 -17.21
N CYS C 108 -9.87 -6.28 -17.29
CA CYS C 108 -8.86 -6.45 -16.27
C CYS C 108 -7.62 -5.71 -16.72
N ALA C 109 -7.43 -4.51 -16.17
CA ALA C 109 -6.27 -3.70 -16.52
C ALA C 109 -5.70 -3.15 -15.22
N GLN C 110 -4.39 -2.97 -15.18
CA GLN C 110 -3.76 -2.46 -13.99
C GLN C 110 -4.06 -0.96 -13.86
N THR C 111 -3.79 -0.41 -12.69
CA THR C 111 -4.02 1.01 -12.45
C THR C 111 -2.93 1.78 -13.19
N GLY C 112 -3.20 3.04 -13.51
CA GLY C 112 -2.23 3.87 -14.21
C GLY C 112 -1.99 3.43 -15.64
N SER C 113 -3.01 2.85 -16.28
CA SER C 113 -2.88 2.37 -17.65
C SER C 113 -3.74 3.17 -18.63
N GLY C 114 -4.42 4.19 -18.12
CA GLY C 114 -5.27 5.02 -18.95
C GLY C 114 -6.74 4.58 -18.96
N LYS C 115 -7.15 3.82 -17.94
CA LYS C 115 -8.53 3.33 -17.83
C LYS C 115 -9.57 4.42 -17.93
N THR C 116 -9.38 5.47 -17.14
CA THR C 116 -10.31 6.58 -17.08
C THR C 116 -10.72 7.10 -18.45
N ALA C 117 -9.75 7.65 -19.19
CA ALA C 117 -10.05 8.18 -20.51
C ALA C 117 -10.62 7.08 -21.39
N ALA C 118 -10.15 5.85 -21.19
CA ALA C 118 -10.63 4.75 -22.00
C ALA C 118 -12.17 4.71 -22.00
N PHE C 119 -12.81 5.10 -20.89
CA PHE C 119 -14.25 5.08 -20.91
C PHE C 119 -14.91 6.45 -21.02
N LEU C 120 -14.25 7.51 -20.55
CA LEU C 120 -14.85 8.84 -20.64
C LEU C 120 -14.87 9.43 -22.05
N LEU C 121 -13.86 9.15 -22.86
CA LEU C 121 -13.83 9.71 -24.20
C LEU C 121 -15.01 9.18 -25.03
N PRO C 122 -15.15 7.86 -25.16
CA PRO C 122 -16.28 7.33 -25.94
C PRO C 122 -17.65 7.71 -25.39
N ILE C 123 -17.82 7.65 -24.07
CA ILE C 123 -19.09 8.02 -23.46
C ILE C 123 -19.40 9.50 -23.75
N LEU C 124 -18.52 10.39 -23.32
CA LEU C 124 -18.70 11.82 -23.56
C LEU C 124 -18.90 12.08 -25.05
N SER C 125 -18.17 11.38 -25.90
CA SER C 125 -18.34 11.56 -27.34
C SER C 125 -19.78 11.18 -27.73
N GLN C 126 -20.26 10.05 -27.22
CA GLN C 126 -21.64 9.64 -27.52
C GLN C 126 -22.64 10.70 -27.12
N ILE C 127 -22.50 11.20 -25.89
CA ILE C 127 -23.40 12.23 -25.38
C ILE C 127 -23.41 13.50 -26.21
N TYR C 128 -22.24 14.00 -26.62
CA TYR C 128 -22.20 15.22 -27.41
C TYR C 128 -22.96 14.99 -28.72
N SER C 129 -22.74 13.83 -29.30
CA SER C 129 -23.35 13.46 -30.56
C SER C 129 -24.87 13.37 -30.46
N ASP C 130 -25.36 12.62 -29.48
CA ASP C 130 -26.80 12.44 -29.31
C ASP C 130 -27.50 13.63 -28.64
N GLY C 131 -26.79 14.30 -27.75
CA GLY C 131 -27.38 15.41 -27.03
C GLY C 131 -28.07 14.86 -25.80
N PRO C 132 -28.74 15.71 -25.00
CA PRO C 132 -29.41 15.22 -23.80
C PRO C 132 -30.70 14.47 -24.13
N GLY C 133 -31.32 14.85 -25.24
CA GLY C 133 -32.56 14.23 -25.65
C GLY C 133 -33.70 15.12 -25.22
N GLU C 134 -34.81 15.09 -25.96
CA GLU C 134 -35.97 15.91 -25.62
C GLU C 134 -36.53 15.50 -24.26
N ALA C 135 -36.08 14.35 -23.77
CA ALA C 135 -36.51 13.82 -22.47
C ALA C 135 -35.99 14.68 -21.31
N LEU C 136 -34.69 14.59 -21.07
CA LEU C 136 -34.05 15.35 -20.00
C LEU C 136 -34.06 16.85 -20.32
N ARG C 137 -34.24 17.19 -21.60
CA ARG C 137 -34.27 18.58 -22.02
C ARG C 137 -35.57 19.21 -21.54
N ALA C 138 -36.69 18.71 -22.03
CA ALA C 138 -38.00 19.21 -21.63
C ALA C 138 -38.28 18.70 -20.23
N MET C 139 -37.46 19.14 -19.28
CA MET C 139 -37.57 18.72 -17.90
C MET C 139 -36.52 19.49 -17.10
N LYS C 140 -35.67 20.22 -17.83
CA LYS C 140 -34.62 21.02 -17.23
C LYS C 140 -35.21 21.96 -16.19
N GLU C 141 -36.52 22.21 -16.32
CA GLU C 141 -37.22 23.09 -15.40
C GLU C 141 -38.36 22.41 -14.64
N ASN C 142 -37.98 21.74 -13.54
CA ASN C 142 -38.95 21.06 -12.68
C ASN C 142 -38.52 21.35 -11.25
N GLY C 143 -39.16 20.71 -10.29
CA GLY C 143 -38.80 20.96 -8.90
C GLY C 143 -39.06 22.39 -8.49
N ARG C 144 -38.65 22.73 -7.27
CA ARG C 144 -38.85 24.08 -6.74
C ARG C 144 -37.51 24.67 -6.30
N TYR C 145 -37.53 25.94 -5.89
CA TYR C 145 -36.32 26.61 -5.44
C TYR C 145 -35.64 25.81 -4.33
N GLY C 146 -34.39 25.40 -4.57
CA GLY C 146 -33.65 24.64 -3.60
C GLY C 146 -34.07 23.18 -3.52
N ARG C 147 -34.82 22.72 -4.50
CA ARG C 147 -35.28 21.34 -4.51
C ARG C 147 -35.39 20.78 -5.93
N ARG C 148 -34.26 20.56 -6.57
CA ARG C 148 -34.21 20.03 -7.93
C ARG C 148 -33.65 18.61 -7.93
N LYS C 149 -34.27 17.74 -8.71
CA LYS C 149 -33.81 16.35 -8.81
C LYS C 149 -33.01 16.27 -10.11
N GLN C 150 -31.90 15.55 -10.10
CA GLN C 150 -31.05 15.43 -11.29
C GLN C 150 -31.07 14.02 -11.85
N TYR C 151 -31.05 13.92 -13.17
CA TYR C 151 -31.06 12.62 -13.85
C TYR C 151 -29.81 12.48 -14.69
N PRO C 152 -28.72 11.96 -14.10
CA PRO C 152 -27.45 11.77 -14.80
C PRO C 152 -27.59 10.79 -15.97
N ILE C 153 -27.01 11.17 -17.11
CA ILE C 153 -27.03 10.33 -18.29
C ILE C 153 -25.97 9.25 -18.07
N SER C 154 -24.99 9.56 -17.23
CA SER C 154 -23.92 8.61 -17.00
C SER C 154 -23.56 8.51 -15.53
N LEU C 155 -23.19 7.32 -15.09
CA LEU C 155 -22.83 7.15 -13.70
C LEU C 155 -21.54 6.35 -13.60
N VAL C 156 -20.60 6.85 -12.78
CA VAL C 156 -19.32 6.18 -12.57
C VAL C 156 -19.18 5.91 -11.07
N LEU C 157 -18.89 4.66 -10.71
CA LEU C 157 -18.75 4.32 -9.30
C LEU C 157 -17.29 4.00 -9.00
N ALA C 158 -16.76 4.63 -7.95
CA ALA C 158 -15.38 4.43 -7.53
C ALA C 158 -15.37 4.09 -6.04
N PRO C 159 -14.39 3.31 -5.59
CA PRO C 159 -14.35 2.96 -4.16
C PRO C 159 -13.90 4.06 -3.19
N THR C 160 -13.12 5.03 -3.67
CA THR C 160 -12.62 6.09 -2.79
C THR C 160 -12.78 7.52 -3.28
N ARG C 161 -12.69 8.45 -2.34
CA ARG C 161 -12.77 9.87 -2.66
C ARG C 161 -11.61 10.23 -3.59
N GLU C 162 -10.46 9.62 -3.36
CA GLU C 162 -9.29 9.91 -4.19
C GLU C 162 -9.50 9.51 -5.64
N LEU C 163 -9.96 8.28 -5.85
CA LEU C 163 -10.20 7.80 -7.20
C LEU C 163 -11.36 8.57 -7.84
N ALA C 164 -12.38 8.88 -7.04
CA ALA C 164 -13.53 9.61 -7.55
C ALA C 164 -13.08 10.98 -8.07
N VAL C 165 -12.30 11.68 -7.27
CA VAL C 165 -11.79 13.01 -7.63
C VAL C 165 -10.92 12.96 -8.89
N GLN C 166 -10.09 11.93 -9.01
CA GLN C 166 -9.24 11.79 -10.20
C GLN C 166 -10.14 11.70 -11.43
N ILE C 167 -11.06 10.74 -11.39
CA ILE C 167 -11.99 10.49 -12.48
C ILE C 167 -12.71 11.78 -12.84
N TYR C 168 -13.15 12.49 -11.80
CA TYR C 168 -13.85 13.75 -11.98
C TYR C 168 -13.02 14.80 -12.72
N GLU C 169 -11.76 14.95 -12.31
CA GLU C 169 -10.85 15.91 -12.94
C GLU C 169 -10.67 15.59 -14.42
N GLU C 170 -10.50 14.30 -14.73
CA GLU C 170 -10.32 13.88 -16.12
C GLU C 170 -11.59 14.20 -16.91
N ALA C 171 -12.74 14.10 -16.26
CA ALA C 171 -14.00 14.38 -16.92
C ALA C 171 -14.11 15.88 -17.23
N ARG C 172 -13.65 16.72 -16.32
CA ARG C 172 -13.72 18.16 -16.57
C ARG C 172 -12.87 18.55 -17.77
N LYS C 173 -11.73 17.88 -17.95
CA LYS C 173 -10.85 18.18 -19.07
C LYS C 173 -11.50 17.77 -20.39
N PHE C 174 -12.24 16.67 -20.40
CA PHE C 174 -12.84 16.24 -21.64
C PHE C 174 -14.20 16.85 -21.93
N SER C 175 -14.76 17.51 -20.92
CA SER C 175 -16.05 18.18 -21.09
C SER C 175 -15.84 19.67 -21.27
N TYR C 176 -14.57 20.08 -21.35
CA TYR C 176 -14.23 21.48 -21.54
C TYR C 176 -14.80 21.97 -22.89
N ARG C 177 -15.52 23.09 -22.84
CA ARG C 177 -16.16 23.68 -24.01
C ARG C 177 -17.38 22.88 -24.48
N SER C 178 -17.92 22.03 -23.60
CA SER C 178 -19.11 21.23 -23.91
C SER C 178 -20.27 21.61 -22.99
N ARG C 179 -21.44 21.07 -23.29
CA ARG C 179 -22.64 21.32 -22.49
C ARG C 179 -22.76 20.36 -21.30
N VAL C 180 -21.93 19.33 -21.28
CA VAL C 180 -21.95 18.36 -20.19
C VAL C 180 -21.33 18.92 -18.90
N ARG C 181 -22.04 18.78 -17.79
CA ARG C 181 -21.53 19.26 -16.51
C ARG C 181 -21.22 18.07 -15.61
N PRO C 182 -19.93 17.77 -15.39
CA PRO C 182 -19.59 16.64 -14.53
C PRO C 182 -19.79 17.03 -13.07
N CYS C 183 -19.99 16.04 -12.21
CA CYS C 183 -20.16 16.26 -10.79
C CYS C 183 -19.54 15.07 -10.10
N VAL C 184 -19.15 15.26 -8.85
CA VAL C 184 -18.56 14.18 -8.08
C VAL C 184 -19.04 14.27 -6.64
N VAL C 185 -19.42 13.14 -6.06
CA VAL C 185 -19.89 13.11 -4.67
C VAL C 185 -19.21 11.93 -3.98
N TYR C 186 -19.00 12.05 -2.67
CA TYR C 186 -18.32 11.01 -1.90
C TYR C 186 -18.48 11.27 -0.42
N GLY C 187 -18.31 10.22 0.40
CA GLY C 187 -18.44 10.39 1.83
C GLY C 187 -17.24 11.07 2.46
N GLY C 188 -17.33 11.39 3.75
CA GLY C 188 -16.23 12.03 4.43
C GLY C 188 -16.17 13.54 4.26
N ALA C 189 -17.17 14.11 3.62
CA ALA C 189 -17.23 15.55 3.39
C ALA C 189 -18.69 15.98 3.46
N ASP C 190 -18.93 17.22 3.83
CA ASP C 190 -20.30 17.72 3.95
C ASP C 190 -21.16 17.40 2.73
N ILE C 191 -22.33 16.84 2.99
CA ILE C 191 -23.26 16.49 1.94
C ILE C 191 -24.02 17.73 1.48
N GLY C 192 -23.98 18.77 2.32
CA GLY C 192 -24.67 20.01 2.00
C GLY C 192 -24.10 20.73 0.79
N GLN C 193 -22.78 20.87 0.76
CA GLN C 193 -22.13 21.55 -0.36
C GLN C 193 -22.34 20.70 -1.61
N GLN C 194 -22.20 19.39 -1.44
CA GLN C 194 -22.37 18.47 -2.55
C GLN C 194 -23.79 18.55 -3.10
N ILE C 195 -24.78 18.63 -2.21
CA ILE C 195 -26.15 18.73 -2.67
C ILE C 195 -26.36 19.99 -3.48
N ARG C 196 -25.77 21.09 -3.03
CA ARG C 196 -25.92 22.35 -3.74
C ARG C 196 -25.24 22.31 -5.12
N ASP C 197 -24.15 21.55 -5.25
CA ASP C 197 -23.46 21.46 -6.53
C ASP C 197 -24.29 20.63 -7.52
N LEU C 198 -24.86 19.53 -7.06
CA LEU C 198 -25.68 18.68 -7.92
C LEU C 198 -26.82 19.46 -8.56
N GLU C 199 -27.50 20.25 -7.73
CA GLU C 199 -28.64 21.04 -8.18
C GLU C 199 -28.35 21.87 -9.42
N ARG C 200 -27.12 22.34 -9.56
CA ARG C 200 -26.74 23.15 -10.71
C ARG C 200 -26.73 22.40 -12.04
N GLY C 201 -26.90 21.09 -11.98
CA GLY C 201 -26.91 20.30 -13.20
C GLY C 201 -25.89 19.20 -13.11
N CYS C 202 -26.23 18.03 -13.65
CA CYS C 202 -25.31 16.91 -13.61
C CYS C 202 -25.64 15.88 -14.67
N HIS C 203 -24.84 15.82 -15.73
CA HIS C 203 -25.08 14.86 -16.79
C HIS C 203 -24.21 13.63 -16.60
N LEU C 204 -23.09 13.83 -15.92
CA LEU C 204 -22.17 12.74 -15.65
C LEU C 204 -21.86 12.82 -14.15
N LEU C 205 -22.14 11.74 -13.44
CA LEU C 205 -21.91 11.71 -11.99
C LEU C 205 -20.89 10.66 -11.58
N VAL C 206 -19.90 11.10 -10.81
CA VAL C 206 -18.85 10.22 -10.29
C VAL C 206 -19.17 10.13 -8.79
N ALA C 207 -19.29 8.90 -8.28
CA ALA C 207 -19.61 8.77 -6.87
C ALA C 207 -19.13 7.49 -6.22
N THR C 208 -18.99 7.56 -4.91
CA THR C 208 -18.63 6.41 -4.08
C THR C 208 -20.04 5.87 -3.77
N PRO C 209 -20.21 4.54 -3.68
CA PRO C 209 -21.52 3.93 -3.39
C PRO C 209 -22.30 4.48 -2.19
N GLY C 210 -21.64 4.59 -1.04
CA GLY C 210 -22.32 5.08 0.14
C GLY C 210 -23.02 6.41 -0.03
N ARG C 211 -22.28 7.44 -0.44
CA ARG C 211 -22.85 8.76 -0.63
C ARG C 211 -23.94 8.81 -1.70
N LEU C 212 -23.81 8.02 -2.77
CA LEU C 212 -24.82 8.02 -3.83
C LEU C 212 -26.16 7.50 -3.32
N VAL C 213 -26.11 6.48 -2.47
CA VAL C 213 -27.33 5.91 -1.90
C VAL C 213 -28.00 6.98 -1.07
N ASP C 214 -27.20 7.71 -0.30
CA ASP C 214 -27.71 8.78 0.54
C ASP C 214 -28.48 9.74 -0.38
N MET C 215 -27.81 10.24 -1.41
CA MET C 215 -28.40 11.18 -2.36
C MET C 215 -29.74 10.71 -2.92
N MET C 216 -29.82 9.43 -3.27
CA MET C 216 -31.05 8.89 -3.82
C MET C 216 -32.18 8.89 -2.78
N GLU C 217 -31.87 8.48 -1.56
CA GLU C 217 -32.88 8.45 -0.50
C GLU C 217 -33.40 9.87 -0.26
N ARG C 218 -32.50 10.84 -0.35
CA ARG C 218 -32.85 12.24 -0.16
C ARG C 218 -33.56 12.80 -1.40
N GLY C 219 -33.81 11.92 -2.37
CA GLY C 219 -34.48 12.31 -3.59
C GLY C 219 -33.77 13.32 -4.49
N LYS C 220 -32.45 13.45 -4.32
CA LYS C 220 -31.67 14.39 -5.13
C LYS C 220 -31.24 13.82 -6.47
N ILE C 221 -31.13 12.50 -6.56
CA ILE C 221 -30.70 11.85 -7.79
C ILE C 221 -31.67 10.77 -8.28
N GLY C 222 -31.90 10.76 -9.59
CA GLY C 222 -32.76 9.77 -10.20
C GLY C 222 -31.94 9.03 -11.25
N LEU C 223 -32.04 7.71 -11.31
CA LEU C 223 -31.28 6.92 -12.27
C LEU C 223 -32.07 6.49 -13.50
N ASP C 224 -33.22 7.11 -13.69
CA ASP C 224 -34.10 6.80 -14.81
C ASP C 224 -33.55 6.97 -16.22
N PHE C 225 -32.65 7.94 -16.40
CA PHE C 225 -32.09 8.21 -17.73
C PHE C 225 -30.63 7.86 -17.87
N CYS C 226 -30.11 7.09 -16.92
CA CYS C 226 -28.72 6.68 -16.95
C CYS C 226 -28.45 5.59 -17.98
N LYS C 227 -27.88 5.97 -19.12
CA LYS C 227 -27.55 5.03 -20.19
C LYS C 227 -26.13 4.47 -20.06
N TYR C 228 -25.27 5.15 -19.30
CA TYR C 228 -23.89 4.70 -19.16
C TYR C 228 -23.52 4.41 -17.72
N LEU C 229 -23.13 3.18 -17.44
CA LEU C 229 -22.76 2.81 -16.08
C LEU C 229 -21.35 2.26 -16.10
N VAL C 230 -20.48 2.85 -15.30
CA VAL C 230 -19.10 2.38 -15.22
C VAL C 230 -18.78 2.02 -13.77
N LEU C 231 -18.10 0.90 -13.56
CA LEU C 231 -17.69 0.51 -12.22
C LEU C 231 -16.17 0.43 -12.24
N ASP C 232 -15.50 1.45 -11.71
CA ASP C 232 -14.04 1.44 -11.72
C ASP C 232 -13.44 0.78 -10.46
N GLU C 233 -12.54 -0.17 -10.66
CA GLU C 233 -11.91 -0.86 -9.54
C GLU C 233 -12.97 -1.62 -8.73
N ALA C 234 -13.82 -2.35 -9.45
CA ALA C 234 -14.89 -3.12 -8.85
C ALA C 234 -14.38 -4.06 -7.76
N ASP C 235 -13.26 -4.73 -8.02
CA ASP C 235 -12.69 -5.65 -7.05
C ASP C 235 -12.29 -4.92 -5.76
N ARG C 236 -11.93 -3.65 -5.89
CA ARG C 236 -11.54 -2.90 -4.70
C ARG C 236 -12.81 -2.55 -3.93
N MET C 237 -13.89 -2.27 -4.64
CA MET C 237 -15.16 -1.91 -4.00
C MET C 237 -15.73 -3.09 -3.21
N LEU C 238 -15.63 -4.31 -3.75
CA LEU C 238 -16.14 -5.47 -3.03
C LEU C 238 -15.26 -5.77 -1.82
N ASP C 239 -13.95 -5.60 -1.97
CA ASP C 239 -13.04 -5.84 -0.85
C ASP C 239 -13.49 -4.98 0.33
N MET C 240 -14.11 -3.85 0.03
CA MET C 240 -14.58 -2.93 1.08
C MET C 240 -16.04 -3.14 1.48
N GLY C 241 -16.68 -4.16 0.91
CA GLY C 241 -18.06 -4.46 1.25
C GLY C 241 -19.11 -3.54 0.66
N PHE C 242 -18.81 -2.96 -0.50
CA PHE C 242 -19.74 -2.06 -1.18
C PHE C 242 -20.76 -2.79 -2.07
N GLU C 243 -20.67 -4.12 -2.14
CA GLU C 243 -21.60 -4.86 -3.00
C GLU C 243 -23.07 -4.65 -2.68
N PRO C 244 -23.44 -4.60 -1.39
CA PRO C 244 -24.86 -4.40 -1.10
C PRO C 244 -25.35 -3.07 -1.69
N GLN C 245 -24.63 -1.99 -1.40
CA GLN C 245 -25.03 -0.69 -1.88
C GLN C 245 -25.02 -0.62 -3.41
N ILE C 246 -24.09 -1.35 -4.03
CA ILE C 246 -23.98 -1.35 -5.48
C ILE C 246 -25.14 -2.13 -6.12
N ARG C 247 -25.50 -3.24 -5.51
CA ARG C 247 -26.62 -4.06 -6.02
C ARG C 247 -27.88 -3.22 -5.83
N ARG C 248 -27.91 -2.46 -4.76
CA ARG C 248 -29.01 -1.58 -4.43
C ARG C 248 -29.13 -0.52 -5.52
N ILE C 249 -28.01 0.13 -5.83
CA ILE C 249 -27.95 1.18 -6.85
C ILE C 249 -28.31 0.70 -8.26
N VAL C 250 -27.81 -0.46 -8.64
CA VAL C 250 -28.02 -1.00 -9.98
C VAL C 250 -29.24 -1.92 -10.21
N GLU C 251 -29.56 -2.75 -9.22
CA GLU C 251 -30.66 -3.71 -9.38
C GLU C 251 -31.92 -3.44 -8.58
N GLN C 252 -31.79 -2.80 -7.43
CA GLN C 252 -32.94 -2.54 -6.57
C GLN C 252 -33.53 -1.15 -6.70
N ASP C 253 -33.33 -0.51 -7.84
CA ASP C 253 -33.89 0.82 -8.01
C ASP C 253 -34.47 1.09 -9.40
N THR C 254 -34.33 2.33 -9.86
CA THR C 254 -34.88 2.75 -11.14
C THR C 254 -33.93 2.80 -12.35
N MET C 255 -32.74 2.22 -12.21
CA MET C 255 -31.80 2.24 -13.33
C MET C 255 -32.17 1.30 -14.46
N PRO C 256 -32.03 1.76 -15.71
CA PRO C 256 -32.35 0.91 -16.86
C PRO C 256 -31.57 -0.40 -16.71
N PRO C 257 -32.19 -1.55 -17.07
CA PRO C 257 -31.51 -2.84 -16.96
C PRO C 257 -30.46 -3.08 -18.03
N LYS C 258 -29.64 -4.10 -17.84
CA LYS C 258 -28.60 -4.44 -18.80
C LYS C 258 -29.25 -4.77 -20.14
N GLY C 259 -28.61 -4.36 -21.22
CA GLY C 259 -29.16 -4.59 -22.53
C GLY C 259 -29.73 -3.26 -23.01
N VAL C 260 -30.29 -2.51 -22.07
CA VAL C 260 -30.85 -1.19 -22.37
C VAL C 260 -29.75 -0.18 -22.11
N ARG C 261 -29.25 -0.18 -20.87
CA ARG C 261 -28.15 0.71 -20.50
C ARG C 261 -26.88 0.06 -21.04
N HIS C 262 -25.81 0.83 -21.05
CA HIS C 262 -24.50 0.35 -21.52
C HIS C 262 -23.65 0.26 -20.26
N THR C 263 -23.06 -0.90 -20.00
CA THR C 263 -22.26 -1.06 -18.79
C THR C 263 -20.80 -1.46 -18.99
N MET C 264 -19.93 -0.89 -18.16
CA MET C 264 -18.51 -1.19 -18.23
C MET C 264 -17.95 -1.45 -16.84
N MET C 265 -17.18 -2.52 -16.70
CA MET C 265 -16.57 -2.87 -15.43
C MET C 265 -15.05 -2.93 -15.56
N PHE C 266 -14.37 -2.33 -14.61
CA PHE C 266 -12.90 -2.31 -14.61
C PHE C 266 -12.42 -2.89 -13.28
N SER C 267 -11.63 -3.95 -13.36
CA SER C 267 -11.11 -4.60 -12.17
C SER C 267 -9.73 -5.15 -12.49
N ALA C 268 -8.77 -4.93 -11.59
CA ALA C 268 -7.41 -5.43 -11.79
C ALA C 268 -7.32 -6.95 -11.60
N THR C 269 -8.15 -7.48 -10.70
CA THR C 269 -8.19 -8.91 -10.43
C THR C 269 -9.50 -9.44 -10.97
N PHE C 270 -9.69 -10.75 -10.96
CA PHE C 270 -10.93 -11.30 -11.48
C PHE C 270 -11.44 -12.50 -10.68
N PRO C 271 -11.57 -12.35 -9.35
CA PRO C 271 -12.05 -13.44 -8.50
C PRO C 271 -13.49 -13.82 -8.86
N LYS C 272 -13.96 -14.94 -8.31
CA LYS C 272 -15.31 -15.41 -8.61
C LYS C 272 -16.41 -14.38 -8.33
N GLU C 273 -16.30 -13.66 -7.21
CA GLU C 273 -17.29 -12.65 -6.87
C GLU C 273 -17.41 -11.62 -7.99
N ILE C 274 -16.28 -11.24 -8.58
CA ILE C 274 -16.30 -10.28 -9.69
C ILE C 274 -16.90 -10.95 -10.91
N GLN C 275 -16.59 -12.22 -11.10
CA GLN C 275 -17.15 -12.97 -12.22
C GLN C 275 -18.66 -12.99 -12.15
N MET C 276 -19.20 -13.19 -10.95
CA MET C 276 -20.63 -13.21 -10.74
C MET C 276 -21.22 -11.82 -10.93
N LEU C 277 -20.50 -10.81 -10.46
CA LEU C 277 -20.98 -9.44 -10.58
C LEU C 277 -21.10 -9.05 -12.06
N ALA C 278 -20.20 -9.57 -12.89
CA ALA C 278 -20.21 -9.30 -14.31
C ALA C 278 -21.35 -10.04 -14.98
N ARG C 279 -21.54 -11.29 -14.57
CA ARG C 279 -22.62 -12.11 -15.13
C ARG C 279 -23.95 -11.39 -14.97
N ASP C 280 -24.18 -10.82 -13.80
CA ASP C 280 -25.43 -10.13 -13.52
C ASP C 280 -25.59 -8.76 -14.15
N PHE C 281 -24.52 -7.95 -14.14
CA PHE C 281 -24.58 -6.60 -14.68
C PHE C 281 -24.32 -6.42 -16.17
N LEU C 282 -23.57 -7.32 -16.78
CA LEU C 282 -23.26 -7.17 -18.19
C LEU C 282 -24.04 -8.07 -19.14
N ASP C 283 -24.20 -7.60 -20.38
CA ASP C 283 -24.93 -8.32 -21.40
C ASP C 283 -24.10 -8.50 -22.69
N GLU C 284 -24.00 -9.75 -23.16
CA GLU C 284 -23.23 -10.08 -24.36
C GLU C 284 -21.99 -9.20 -24.40
N TYR C 285 -21.25 -9.22 -23.31
CA TYR C 285 -20.09 -8.39 -23.17
C TYR C 285 -18.80 -8.95 -23.72
N ILE C 286 -17.80 -8.08 -23.77
CA ILE C 286 -16.49 -8.46 -24.25
C ILE C 286 -15.56 -8.46 -23.05
N PHE C 287 -14.76 -9.51 -22.93
CA PHE C 287 -13.81 -9.61 -21.84
C PHE C 287 -12.48 -9.12 -22.38
N LEU C 288 -11.91 -8.10 -21.74
CA LEU C 288 -10.66 -7.55 -22.17
C LEU C 288 -9.60 -7.66 -21.07
N ALA C 289 -8.50 -8.34 -21.39
CA ALA C 289 -7.40 -8.50 -20.45
C ALA C 289 -6.15 -7.83 -21.03
N VAL C 290 -5.65 -6.81 -20.33
CA VAL C 290 -4.46 -6.11 -20.79
C VAL C 290 -3.25 -6.57 -20.00
N GLY C 291 -2.59 -7.60 -20.52
CA GLY C 291 -1.38 -8.13 -19.89
C GLY C 291 -1.55 -8.80 -18.54
N ARG C 292 -2.79 -9.16 -18.21
CA ARG C 292 -3.05 -9.82 -16.94
C ARG C 292 -4.47 -10.37 -16.80
#